data_5J2N
#
_entry.id   5J2N
#
_cell.length_a   166.827
_cell.length_b   169.885
_cell.length_c   102.656
_cell.angle_alpha   90.000
_cell.angle_beta   90.000
_cell.angle_gamma   90.000
#
_symmetry.space_group_name_H-M   'C 2 2 21'
#
loop_
_entity.id
_entity.type
_entity.pdbx_description
1 polymer 'reverse transcriptase, p66 domain'
2 polymer 'reverse transcriptase, p51 domain'
3 polymer "DNA 5'-D(*AP*CP*AP*GP*TP*CP*CP*CP*TP*GP*TP*TP*CP*GP*GP*(MRG)P*CP*GP*CP*CP*G)-3'"
4 polymer 'DNA (27-MER)'
5 non-polymer 'MAGNESIUM ION'
6 water water
#
loop_
_entity_poly.entity_id
_entity_poly.type
_entity_poly.pdbx_seq_one_letter_code
_entity_poly.pdbx_strand_id
1 'polypeptide(L)'
;PISPIETVPVKLKPGMDGPKVKQWPLTEEKIKALVEICTEMEKEGKISKIGPENPYNTPVFAIKKKDSTKWRKLVDFREL
NKRTQDFWEVQLGIPHPAGLKKKKSVTVLDVGDAYFSVPLDEDFRKYTAFTIPSINNETPGIRYQYNVLPQGWKGSPAIF
QSSMTKILEPFRKQNPDIVIYQYMDDLYVGSDLEIGQHRTKIEELRQHLLRWGLTTPDKKHQKEPPFLWMGYELHPDKWT
VQPIVLPEKDSWTVNDICKLVGKLNWASQIYPGIKVRQLSKLLRGTKALTEVIPLTEEAELELAENREILKEPVHGVYYD
PSKDLIAEIQKQGQGQWTYQIYQEPFKNLKTGKYARMRGAHTNDVKQLTEAVQKITTESIVIWGKTPKFKLPIQKETWET
WWTEYWQATWIPEWEFVNTPPLVKLWYQLEKEPIVGAETFYVDGAANRETKLGKAGYVTNRGRQKVVTLTDTTNQKTELQ
AIYLALQDSGLEVNIVTDSQYALGIIQAQPDQSESELVNQIIEQLIKKEKVYLAWVPAHKGIGGNEQVDKLVSAGIRKVL
;
A
2 'polypeptide(L)'
;PISPIETVPVKLKPGMDGPKVKQWPLTEEKIKALVEICTEMEKEGKISKIGPENPYNTPVFAIKKKDSTKWRKLVDFREL
NKRTQDFWEVQLGIPHPAGLKKKKSVTVLDVGDAYFSVPLDEDFRKYTAFTIPSINNETPGIRYQYNVLPQGWKGSPAIF
QSSMTKILEPFRKQNPDIVIYQYMDDLYVGSDLEIGQHRTKIEELRQHLLRWGLTTPDKKHQKEPPFLWMGYELHPDKWT
VQPIVLPEKDSWTVNDIQKLVGKLNWASQIYPGIKVRQLSKLLRGTKALTEVIPLTEEAELELAENREILKEPVHGVYYD
PSKDLIAEIQKQGQGQWTYQIYQEPFKNLKTGKYARMRGAHTNDVKQLTEAVQKITTESIVIWGKTPKFKLPIQKETWET
WWTEYWQATWIPEWEFVNTPPLVKLWYQLEKEPIVGAETF
;
B
3 'polydeoxyribonucleotide'
;(DA)(DC)(DA)(DG)(DT)(DC)(DC)(DC)(DT)(DG)(DT)(DT)(DC)(DG)(DG)(MRG)(DC)(DG)(DC)
(DC)(6FM)(DT)
;
P
4 'polydeoxyribonucleotide'
;(DA)(DT)(DG)(DG)(DA)(DT)(DG)(DG)(DC)(DG)(DC)(DC)(DC)(DG)(DA)(DA)(DC)(DA)(DG)(DG)
(DG)(DA)(DC)(DT)(DG)(DT)(DG)
;
T
#
# COMPACT_ATOMS: atom_id res chain seq x y z
N PRO A 1 -6.32 10.75 42.21
CA PRO A 1 -7.32 9.70 42.46
C PRO A 1 -7.31 8.62 41.40
N ILE A 2 -8.41 7.89 41.27
CA ILE A 2 -8.58 6.86 40.25
C ILE A 2 -9.79 7.21 39.41
N SER A 3 -9.66 7.04 38.10
CA SER A 3 -10.74 7.41 37.19
C SER A 3 -11.96 6.53 37.43
N PRO A 4 -13.17 7.11 37.49
CA PRO A 4 -14.38 6.28 37.64
C PRO A 4 -14.83 5.68 36.32
N ILE A 5 -13.93 5.66 35.33
CA ILE A 5 -14.25 5.09 34.03
C ILE A 5 -14.30 3.57 34.14
N GLU A 6 -15.15 2.96 33.31
CA GLU A 6 -15.22 1.51 33.26
C GLU A 6 -13.91 0.92 32.74
N THR A 7 -13.54 -0.23 33.28
CA THR A 7 -12.32 -0.91 32.86
C THR A 7 -12.51 -1.53 31.49
N VAL A 8 -11.40 -1.93 30.88
CA VAL A 8 -11.40 -2.63 29.60
C VAL A 8 -11.23 -4.12 29.90
N PRO A 9 -12.17 -4.97 29.48
CA PRO A 9 -12.06 -6.41 29.77
C PRO A 9 -10.88 -7.03 29.05
N VAL A 10 -9.97 -7.63 29.81
CA VAL A 10 -8.76 -8.25 29.28
C VAL A 10 -8.75 -9.71 29.70
N LYS A 11 -8.32 -10.58 28.79
CA LYS A 11 -8.18 -12.00 29.06
C LYS A 11 -6.79 -12.46 28.64
N LEU A 12 -6.38 -13.61 29.18
CA LEU A 12 -5.16 -14.25 28.72
C LEU A 12 -5.44 -15.05 27.46
N LYS A 13 -4.36 -15.45 26.78
CA LYS A 13 -4.50 -16.35 25.65
C LYS A 13 -5.05 -17.70 26.14
N PRO A 14 -5.79 -18.41 25.30
CA PRO A 14 -6.40 -19.68 25.75
C PRO A 14 -5.35 -20.68 26.19
N GLY A 15 -5.67 -21.42 27.25
CA GLY A 15 -4.79 -22.44 27.78
C GLY A 15 -3.61 -21.93 28.57
N MET A 16 -3.48 -20.61 28.74
CA MET A 16 -2.34 -20.02 29.43
C MET A 16 -2.72 -19.65 30.86
N ASP A 17 -1.69 -19.32 31.65
CA ASP A 17 -1.86 -18.92 33.04
C ASP A 17 -0.86 -17.84 33.37
N GLY A 18 -1.17 -17.05 34.40
CA GLY A 18 -0.34 -15.94 34.81
C GLY A 18 1.11 -16.31 35.08
N PRO A 19 1.98 -15.32 35.10
CA PRO A 19 3.41 -15.58 35.23
C PRO A 19 3.80 -15.95 36.65
N LYS A 20 4.95 -16.64 36.77
CA LYS A 20 5.52 -17.06 38.06
C LYS A 20 7.03 -16.87 37.97
N VAL A 21 7.47 -15.63 38.12
CA VAL A 21 8.89 -15.27 38.03
C VAL A 21 9.31 -14.63 39.34
N LYS A 22 10.49 -15.02 39.84
CA LYS A 22 11.00 -14.52 41.10
C LYS A 22 11.74 -13.20 40.90
N GLN A 23 11.68 -12.35 41.92
CA GLN A 23 12.28 -11.02 41.84
C GLN A 23 13.80 -11.12 41.91
N TRP A 24 14.47 -10.45 40.97
CA TRP A 24 15.92 -10.36 41.02
C TRP A 24 16.33 -9.31 42.05
N PRO A 25 17.56 -9.39 42.57
CA PRO A 25 18.00 -8.40 43.56
C PRO A 25 18.02 -7.00 42.98
N LEU A 26 17.85 -6.01 43.87
CA LEU A 26 17.77 -4.61 43.48
C LEU A 26 18.76 -3.79 44.30
N THR A 27 19.13 -2.65 43.76
CA THR A 27 20.00 -1.71 44.48
C THR A 27 19.26 -1.15 45.68
N GLU A 28 20.01 -0.93 46.77
CA GLU A 28 19.44 -0.34 47.98
C GLU A 28 18.75 0.98 47.67
N GLU A 29 19.33 1.77 46.77
CA GLU A 29 18.72 3.05 46.39
C GLU A 29 17.37 2.83 45.71
N LYS A 30 17.27 1.80 44.85
CA LYS A 30 16.02 1.53 44.16
C LYS A 30 14.98 0.95 45.10
N ILE A 31 15.41 0.17 46.09
CA ILE A 31 14.47 -0.39 47.06
C ILE A 31 13.86 0.72 47.91
N LYS A 32 14.66 1.73 48.28
CA LYS A 32 14.15 2.83 49.08
C LYS A 32 13.19 3.72 48.28
N ALA A 33 13.34 3.74 46.96
CA ALA A 33 12.45 4.50 46.11
C ALA A 33 11.20 3.73 45.73
N LEU A 34 11.28 2.40 45.69
CA LEU A 34 10.10 1.59 45.36
C LEU A 34 9.14 1.47 46.54
N VAL A 35 9.64 1.55 47.78
CA VAL A 35 8.76 1.41 48.93
C VAL A 35 7.94 2.68 49.15
N GLU A 36 8.55 3.86 48.97
CA GLU A 36 7.79 5.09 49.11
C GLU A 36 6.72 5.23 48.04
N ILE A 37 6.99 4.70 46.84
CA ILE A 37 5.97 4.70 45.79
C ILE A 37 4.85 3.73 46.15
N CYS A 38 5.20 2.54 46.64
CA CYS A 38 4.19 1.52 46.92
C CYS A 38 3.41 1.82 48.18
N THR A 39 4.05 2.37 49.22
CA THR A 39 3.31 2.71 50.43
C THR A 39 2.27 3.79 50.17
N GLU A 40 2.56 4.72 49.26
CA GLU A 40 1.60 5.76 48.93
C GLU A 40 0.52 5.23 47.97
N MET A 41 0.92 4.40 46.99
CA MET A 41 -0.06 3.82 46.09
C MET A 41 -1.00 2.86 46.81
N GLU A 42 -0.50 2.18 47.85
CA GLU A 42 -1.37 1.30 48.63
C GLU A 42 -2.43 2.09 49.38
N LYS A 43 -2.09 3.31 49.82
CA LYS A 43 -3.09 4.16 50.48
C LYS A 43 -4.13 4.66 49.48
N GLU A 44 -3.69 5.05 48.29
CA GLU A 44 -4.61 5.58 47.27
C GLU A 44 -5.50 4.51 46.66
N GLY A 45 -5.27 3.23 46.98
CA GLY A 45 -6.04 2.16 46.38
C GLY A 45 -5.57 1.72 45.02
N LYS A 46 -4.46 2.25 44.54
CA LYS A 46 -3.93 1.86 43.23
C LYS A 46 -3.26 0.49 43.24
N ILE A 47 -2.79 0.04 44.40
CA ILE A 47 -2.28 -1.31 44.56
C ILE A 47 -2.83 -1.87 45.87
N SER A 48 -3.04 -3.19 45.89
CA SER A 48 -3.61 -3.88 47.04
C SER A 48 -2.67 -5.00 47.48
N LYS A 49 -2.49 -5.12 48.78
CA LYS A 49 -1.66 -6.18 49.33
C LYS A 49 -2.31 -7.53 49.13
N ILE A 50 -1.51 -8.53 48.75
CA ILE A 50 -1.97 -9.88 48.51
C ILE A 50 -1.26 -10.83 49.48
N GLY A 51 -1.77 -12.05 49.57
CA GLY A 51 -1.21 -13.04 50.45
C GLY A 51 -0.83 -14.32 49.71
N PRO A 52 -0.87 -15.45 50.41
CA PRO A 52 -0.52 -16.73 49.77
C PRO A 52 -1.56 -17.22 48.77
N GLU A 53 -2.75 -16.60 48.73
CA GLU A 53 -3.76 -16.99 47.75
C GLU A 53 -3.43 -16.53 46.33
N ASN A 54 -2.30 -15.86 46.13
CA ASN A 54 -1.87 -15.39 44.82
C ASN A 54 -0.56 -16.08 44.45
N PRO A 55 -0.59 -17.09 43.58
CA PRO A 55 0.64 -17.81 43.23
C PRO A 55 1.49 -17.11 42.18
N TYR A 56 1.06 -15.98 41.64
CA TYR A 56 1.76 -15.32 40.55
C TYR A 56 2.73 -14.27 41.10
N ASN A 57 3.72 -13.94 40.27
CA ASN A 57 4.73 -12.94 40.62
C ASN A 57 5.46 -12.52 39.35
N THR A 58 5.98 -11.29 39.37
CA THR A 58 6.69 -10.70 38.23
C THR A 58 7.70 -9.70 38.76
N PRO A 59 8.94 -9.72 38.25
CA PRO A 59 9.96 -8.80 38.76
C PRO A 59 9.63 -7.35 38.47
N VAL A 60 10.29 -6.47 39.22
CA VAL A 60 10.14 -5.02 39.08
C VAL A 60 11.51 -4.37 39.12
N PHE A 61 11.59 -3.17 38.56
CA PHE A 61 12.81 -2.39 38.57
C PHE A 61 12.45 -0.92 38.36
N ALA A 62 13.40 -0.04 38.68
CA ALA A 62 13.15 1.40 38.68
C ALA A 62 14.24 2.12 37.90
N ILE A 63 13.84 3.04 37.03
CA ILE A 63 14.75 3.90 36.30
C ILE A 63 14.36 5.35 36.54
N LYS A 64 15.27 6.26 36.23
CA LYS A 64 15.00 7.67 36.39
C LYS A 64 14.12 8.18 35.26
N LYS A 65 13.46 9.30 35.51
CA LYS A 65 12.57 9.92 34.53
C LYS A 65 13.33 10.95 33.72
N LYS A 66 12.65 11.54 32.73
CA LYS A 66 13.21 12.69 32.04
C LYS A 66 13.38 13.87 32.99
N ASP A 67 12.53 13.95 34.03
CA ASP A 67 12.73 14.91 35.11
C ASP A 67 14.01 14.62 35.88
N SER A 68 14.52 13.38 35.81
CA SER A 68 15.84 12.98 36.31
C SER A 68 15.92 12.95 37.83
N THR A 69 14.89 13.44 38.52
CA THR A 69 14.88 13.45 39.98
C THR A 69 14.08 12.29 40.55
N LYS A 70 12.79 12.21 40.23
CA LYS A 70 11.95 11.15 40.76
C LYS A 70 12.23 9.83 40.05
N TRP A 71 11.68 8.75 40.60
CA TRP A 71 11.86 7.41 40.07
C TRP A 71 10.59 6.91 39.41
N ARG A 72 10.75 6.09 38.38
CA ARG A 72 9.64 5.47 37.66
C ARG A 72 9.64 3.97 37.94
N LYS A 73 8.52 3.47 38.44
CA LYS A 73 8.37 2.06 38.79
C LYS A 73 7.96 1.27 37.55
N LEU A 74 8.86 0.44 37.06
CA LEU A 74 8.61 -0.41 35.90
C LEU A 74 8.48 -1.86 36.32
N VAL A 75 7.76 -2.64 35.51
CA VAL A 75 7.56 -4.06 35.76
C VAL A 75 7.99 -4.82 34.51
N ASP A 76 8.77 -5.89 34.70
CA ASP A 76 9.25 -6.72 33.59
C ASP A 76 8.18 -7.76 33.27
N PHE A 77 7.09 -7.29 32.65
CA PHE A 77 5.97 -8.13 32.27
C PHE A 77 6.20 -8.91 30.97
N ARG A 78 7.45 -9.25 30.64
CA ARG A 78 7.70 -9.95 29.39
C ARG A 78 6.98 -11.28 29.33
N GLU A 79 6.84 -11.97 30.46
CA GLU A 79 6.15 -13.26 30.45
C GLU A 79 4.64 -13.09 30.35
N LEU A 80 4.08 -12.16 31.12
CA LEU A 80 2.64 -11.92 31.05
C LEU A 80 2.22 -11.43 29.68
N ASN A 81 3.07 -10.65 29.00
CA ASN A 81 2.73 -10.15 27.67
C ASN A 81 2.64 -11.31 26.68
N LYS A 82 3.55 -12.27 26.75
CA LYS A 82 3.50 -13.42 25.87
C LYS A 82 2.22 -14.23 26.05
N ARG A 83 1.59 -14.13 27.21
CA ARG A 83 0.39 -14.91 27.52
C ARG A 83 -0.88 -14.08 27.52
N THR A 84 -0.78 -12.77 27.31
CA THR A 84 -1.95 -11.90 27.25
C THR A 84 -2.54 -11.91 25.84
N GLN A 85 -3.83 -11.59 25.77
CA GLN A 85 -4.52 -11.51 24.49
C GLN A 85 -3.89 -10.46 23.59
N ASP A 86 -4.22 -10.54 22.30
CA ASP A 86 -3.77 -9.53 21.35
C ASP A 86 -4.69 -8.30 21.41
N PHE A 87 -4.09 -7.13 21.30
CA PHE A 87 -4.81 -5.88 21.21
C PHE A 87 -4.67 -5.31 19.80
N TRP A 88 -5.51 -4.33 19.50
CA TRP A 88 -5.36 -3.51 18.29
C TRP A 88 -4.95 -2.12 18.75
N GLU A 89 -3.73 -1.72 18.40
CA GLU A 89 -3.23 -0.42 18.82
C GLU A 89 -4.03 0.70 18.19
N VAL A 90 -4.42 1.69 19.00
CA VAL A 90 -5.20 2.81 18.51
C VAL A 90 -4.33 4.00 18.10
N GLN A 91 -3.06 4.00 18.48
CA GLN A 91 -2.13 5.06 18.08
C GLN A 91 -1.68 4.78 16.64
N LEU A 92 -2.27 5.50 15.68
CA LEU A 92 -2.02 5.25 14.28
C LEU A 92 -0.86 6.06 13.72
N GLY A 93 -0.19 6.87 14.54
CA GLY A 93 0.91 7.66 14.05
C GLY A 93 1.31 8.71 15.07
N ILE A 94 2.20 9.60 14.64
CA ILE A 94 2.77 10.63 15.48
C ILE A 94 2.36 11.99 14.91
N PRO A 95 1.80 12.89 15.72
CA PRO A 95 1.46 14.22 15.21
C PRO A 95 2.69 15.04 14.90
N HIS A 96 2.58 15.85 13.86
CA HIS A 96 3.69 16.69 13.42
C HIS A 96 3.31 18.16 13.50
N PRO A 97 4.21 19.03 13.96
CA PRO A 97 3.85 20.45 14.12
C PRO A 97 3.53 21.16 12.82
N ALA A 98 4.00 20.66 11.68
CA ALA A 98 3.67 21.27 10.40
C ALA A 98 2.19 21.17 10.07
N GLY A 99 1.50 20.17 10.64
CA GLY A 99 0.06 20.06 10.45
C GLY A 99 -0.78 20.94 11.35
N LEU A 100 -0.16 21.55 12.35
CA LEU A 100 -0.88 22.48 13.22
C LEU A 100 -1.27 23.73 12.44
N LYS A 101 -2.48 24.23 12.69
CA LYS A 101 -2.93 25.48 12.12
C LYS A 101 -2.67 26.62 13.11
N LYS A 102 -2.52 27.82 12.57
CA LYS A 102 -2.30 29.00 13.40
C LYS A 102 -3.50 29.24 14.30
N LYS A 103 -3.26 29.24 15.60
CA LYS A 103 -4.30 29.51 16.59
C LYS A 103 -4.02 30.82 17.31
N LYS A 104 -5.09 31.43 17.84
CA LYS A 104 -4.93 32.68 18.56
C LYS A 104 -4.36 32.46 19.95
N SER A 105 -4.76 31.37 20.61
CA SER A 105 -4.28 31.05 21.95
C SER A 105 -3.97 29.56 22.03
N VAL A 106 -2.87 29.24 22.70
CA VAL A 106 -2.34 27.88 22.75
C VAL A 106 -1.98 27.52 24.17
N THR A 107 -2.34 26.31 24.59
CA THR A 107 -1.99 25.79 25.91
C THR A 107 -1.52 24.35 25.76
N VAL A 108 -0.47 24.00 26.50
CA VAL A 108 0.09 22.64 26.52
C VAL A 108 0.19 22.21 27.98
N LEU A 109 -0.66 21.26 28.38
CA LEU A 109 -0.63 20.71 29.73
C LEU A 109 -0.70 19.20 29.67
N ASP A 110 -0.12 18.56 30.68
CA ASP A 110 -0.06 17.10 30.76
C ASP A 110 -0.84 16.61 31.97
N VAL A 111 -1.14 15.31 31.96
CA VAL A 111 -1.84 14.66 33.06
C VAL A 111 -0.80 14.04 33.99
N GLY A 112 -1.00 14.21 35.30
CA GLY A 112 -0.09 13.67 36.29
C GLY A 112 -0.50 12.26 36.69
N ASP A 113 0.50 11.38 36.78
CA ASP A 113 0.30 9.96 37.05
C ASP A 113 -0.77 9.38 36.13
N ALA A 114 -0.45 9.39 34.84
CA ALA A 114 -1.39 8.99 33.79
C ALA A 114 -1.85 7.55 33.95
N TYR A 115 -0.93 6.60 33.79
CA TYR A 115 -1.29 5.18 33.88
C TYR A 115 -1.94 4.85 35.22
N PHE A 116 -1.35 5.34 36.31
CA PHE A 116 -1.79 4.93 37.65
C PHE A 116 -3.13 5.53 38.05
N SER A 117 -3.78 6.29 37.17
CA SER A 117 -5.10 6.82 37.45
C SER A 117 -6.21 6.13 36.67
N VAL A 118 -5.86 5.17 35.82
CA VAL A 118 -6.83 4.42 35.02
C VAL A 118 -6.96 3.02 35.62
N PRO A 119 -8.17 2.57 35.95
CA PRO A 119 -8.31 1.27 36.63
C PRO A 119 -8.02 0.12 35.70
N LEU A 120 -7.66 -1.01 36.31
CA LEU A 120 -7.41 -2.26 35.59
C LEU A 120 -8.56 -3.23 35.85
N ASP A 121 -8.82 -4.09 34.87
CA ASP A 121 -9.90 -5.06 34.98
C ASP A 121 -9.71 -5.93 36.22
N GLU A 122 -10.78 -6.05 37.02
CA GLU A 122 -10.67 -6.71 38.31
C GLU A 122 -10.27 -8.17 38.17
N ASP A 123 -10.80 -8.86 37.14
CA ASP A 123 -10.47 -10.27 36.94
C ASP A 123 -9.03 -10.48 36.47
N PHE A 124 -8.33 -9.42 36.07
CA PHE A 124 -6.96 -9.52 35.58
C PHE A 124 -5.93 -9.09 36.60
N ARG A 125 -6.35 -8.45 37.70
CA ARG A 125 -5.41 -7.85 38.64
C ARG A 125 -4.52 -8.88 39.32
N LYS A 126 -4.96 -10.14 39.39
CA LYS A 126 -4.16 -11.15 40.09
C LYS A 126 -2.90 -11.51 39.30
N TYR A 127 -2.94 -11.40 37.98
CA TYR A 127 -1.78 -11.73 37.16
C TYR A 127 -0.68 -10.69 37.26
N THR A 128 -1.01 -9.46 37.69
CA THR A 128 -0.04 -8.39 37.83
C THR A 128 0.66 -8.40 39.18
N ALA A 129 0.72 -9.55 39.85
CA ALA A 129 1.33 -9.63 41.16
C ALA A 129 2.83 -9.39 41.09
N PHE A 130 3.35 -8.62 42.04
CA PHE A 130 4.79 -8.38 42.14
C PHE A 130 5.19 -8.41 43.61
N THR A 131 6.50 -8.51 43.84
CA THR A 131 7.06 -8.58 45.19
C THR A 131 8.16 -7.54 45.32
N ILE A 132 8.20 -6.87 46.48
CA ILE A 132 9.20 -5.84 46.76
C ILE A 132 9.83 -6.15 48.11
N PRO A 133 11.16 -6.36 48.18
CA PRO A 133 11.81 -6.58 49.47
C PRO A 133 11.99 -5.31 50.26
N SER A 134 12.80 -5.36 51.32
CA SER A 134 13.07 -4.20 52.16
C SER A 134 14.38 -4.45 52.91
N ILE A 135 14.59 -3.72 53.99
CA ILE A 135 15.75 -3.98 54.85
C ILE A 135 15.59 -5.37 55.46
N ASN A 136 16.53 -6.25 55.14
CA ASN A 136 16.42 -7.65 55.54
C ASN A 136 16.52 -7.80 57.05
N ASN A 137 15.83 -8.82 57.57
CA ASN A 137 15.81 -9.17 58.99
C ASN A 137 15.13 -8.12 59.86
N GLU A 138 14.93 -6.91 59.33
CA GLU A 138 14.19 -5.87 60.03
C GLU A 138 12.74 -5.78 59.59
N THR A 139 12.45 -6.19 58.35
CA THR A 139 11.10 -6.32 57.81
C THR A 139 11.14 -7.11 56.51
N PRO A 140 10.32 -8.15 56.37
CA PRO A 140 10.36 -8.95 55.14
C PRO A 140 9.79 -8.23 53.93
N GLY A 141 9.62 -8.95 52.82
CA GLY A 141 9.16 -8.34 51.59
C GLY A 141 7.63 -8.34 51.49
N ILE A 142 7.11 -7.26 50.92
CA ILE A 142 5.68 -7.07 50.76
C ILE A 142 5.29 -7.46 49.33
N ARG A 143 4.10 -8.03 49.18
CA ARG A 143 3.57 -8.43 47.89
C ARG A 143 2.28 -7.67 47.62
N TYR A 144 2.26 -6.91 46.53
CA TYR A 144 1.09 -6.15 46.10
C TYR A 144 0.56 -6.72 44.79
N GLN A 145 -0.54 -6.13 44.32
CA GLN A 145 -1.05 -6.38 42.98
C GLN A 145 -1.58 -5.06 42.42
N TYR A 146 -1.56 -4.95 41.09
CA TYR A 146 -1.93 -3.71 40.44
C TYR A 146 -3.45 -3.59 40.32
N ASN A 147 -4.01 -2.52 40.87
CA ASN A 147 -5.40 -2.15 40.64
C ASN A 147 -5.54 -1.14 39.52
N VAL A 148 -4.42 -0.66 38.96
CA VAL A 148 -4.43 0.29 37.86
C VAL A 148 -3.53 -0.24 36.75
N LEU A 149 -3.20 0.61 35.78
CA LEU A 149 -2.39 0.20 34.65
C LEU A 149 -0.91 0.17 35.04
N PRO A 150 -0.22 -0.94 34.88
CA PRO A 150 1.22 -0.98 35.17
C PRO A 150 2.07 -0.57 33.98
N GLN A 151 3.24 -0.04 34.29
CA GLN A 151 4.20 0.40 33.26
C GLN A 151 5.11 -0.76 32.94
N GLY A 152 4.85 -1.42 31.81
CA GLY A 152 5.59 -2.59 31.41
C GLY A 152 4.69 -3.64 30.79
N TRP A 153 3.39 -3.41 30.90
CA TRP A 153 2.40 -4.32 30.35
C TRP A 153 2.17 -4.01 28.88
N LYS A 154 1.80 -5.05 28.12
CA LYS A 154 1.55 -4.86 26.69
C LYS A 154 0.32 -3.99 26.44
N GLY A 155 -0.76 -4.23 27.18
CA GLY A 155 -2.01 -3.55 26.91
C GLY A 155 -2.14 -2.18 27.55
N SER A 156 -1.19 -1.76 28.36
CA SER A 156 -1.30 -0.48 29.05
C SER A 156 -1.34 0.71 28.09
N PRO A 157 -0.46 0.83 27.08
CA PRO A 157 -0.55 2.00 26.19
C PRO A 157 -1.86 2.08 25.43
N ALA A 158 -2.33 0.97 24.87
CA ALA A 158 -3.57 1.01 24.09
C ALA A 158 -4.78 1.31 24.96
N ILE A 159 -4.81 0.75 26.17
CA ILE A 159 -5.96 0.96 27.05
C ILE A 159 -6.01 2.40 27.55
N PHE A 160 -4.85 2.97 27.89
CA PHE A 160 -4.84 4.36 28.33
C PHE A 160 -5.24 5.30 27.21
N GLN A 161 -4.66 5.12 26.01
CA GLN A 161 -4.97 6.00 24.90
C GLN A 161 -6.44 5.90 24.51
N SER A 162 -7.02 4.70 24.61
CA SER A 162 -8.44 4.55 24.32
C SER A 162 -9.29 5.20 25.40
N SER A 163 -8.97 4.95 26.67
CA SER A 163 -9.72 5.58 27.75
C SER A 163 -9.58 7.09 27.74
N MET A 164 -8.41 7.59 27.33
CA MET A 164 -8.23 9.04 27.22
C MET A 164 -9.14 9.64 26.17
N THR A 165 -9.41 8.90 25.09
CA THR A 165 -10.31 9.40 24.05
C THR A 165 -11.75 9.39 24.53
N LYS A 166 -12.15 8.38 25.30
CA LYS A 166 -13.51 8.35 25.83
C LYS A 166 -13.73 9.49 26.83
N ILE A 167 -12.70 9.85 27.60
CA ILE A 167 -12.85 10.92 28.58
C ILE A 167 -12.97 12.27 27.88
N LEU A 168 -12.16 12.51 26.84
CA LEU A 168 -12.19 13.77 26.12
C LEU A 168 -13.36 13.87 25.14
N GLU A 169 -14.13 12.80 24.96
CA GLU A 169 -15.21 12.84 23.97
C GLU A 169 -16.31 13.84 24.35
N PRO A 170 -16.83 13.87 25.59
CA PRO A 170 -17.85 14.88 25.91
C PRO A 170 -17.36 16.30 25.78
N PHE A 171 -16.09 16.57 26.10
CA PHE A 171 -15.57 17.92 25.97
C PHE A 171 -15.45 18.35 24.51
N ARG A 172 -15.00 17.43 23.65
CA ARG A 172 -14.90 17.74 22.22
C ARG A 172 -16.28 17.94 21.61
N LYS A 173 -17.26 17.13 22.01
CA LYS A 173 -18.60 17.27 21.47
C LYS A 173 -19.21 18.61 21.88
N GLN A 174 -18.93 19.07 23.10
CA GLN A 174 -19.47 20.34 23.58
C GLN A 174 -18.70 21.53 23.02
N ASN A 175 -17.38 21.39 22.87
CA ASN A 175 -16.51 22.44 22.34
C ASN A 175 -15.89 21.93 21.04
N PRO A 176 -16.64 21.96 19.94
CA PRO A 176 -16.11 21.40 18.69
C PRO A 176 -15.03 22.24 18.05
N ASP A 177 -14.91 23.50 18.41
CA ASP A 177 -13.93 24.41 17.83
C ASP A 177 -12.68 24.55 18.69
N ILE A 178 -12.60 23.83 19.80
CA ILE A 178 -11.38 23.75 20.60
C ILE A 178 -10.61 22.53 20.15
N VAL A 179 -9.45 22.74 19.54
CA VAL A 179 -8.62 21.66 19.03
C VAL A 179 -7.74 21.13 20.15
N ILE A 180 -7.78 19.81 20.36
CA ILE A 180 -7.06 19.15 21.43
C ILE A 180 -6.21 18.05 20.81
N TYR A 181 -4.91 18.30 20.66
CA TYR A 181 -3.99 17.27 20.20
C TYR A 181 -3.62 16.36 21.36
N GLN A 182 -3.97 15.08 21.24
CA GLN A 182 -3.92 14.12 22.34
C GLN A 182 -2.89 13.05 22.02
N TYR A 183 -1.73 13.13 22.66
CA TYR A 183 -0.68 12.12 22.55
C TYR A 183 -0.36 11.62 23.95
N MET A 184 -0.75 10.37 24.24
CA MET A 184 -0.65 9.80 25.57
C MET A 184 -1.37 10.70 26.57
N ASP A 185 -0.62 11.34 27.47
CA ASP A 185 -1.18 12.24 28.45
C ASP A 185 -0.91 13.71 28.14
N ASP A 186 -0.14 13.99 27.10
CA ASP A 186 0.11 15.37 26.69
C ASP A 186 -1.10 15.93 25.95
N LEU A 187 -1.43 17.18 26.24
CA LEU A 187 -2.61 17.82 25.65
C LEU A 187 -2.21 19.19 25.11
N TYR A 188 -2.20 19.31 23.79
CA TYR A 188 -2.06 20.60 23.11
C TYR A 188 -3.46 21.14 22.84
N VAL A 189 -3.76 22.32 23.37
CA VAL A 189 -5.09 22.91 23.28
C VAL A 189 -4.96 24.26 22.56
N GLY A 190 -5.65 24.40 21.44
CA GLY A 190 -5.66 25.64 20.69
C GLY A 190 -7.07 26.16 20.52
N SER A 191 -7.20 27.48 20.39
CA SER A 191 -8.49 28.12 20.26
C SER A 191 -8.34 29.43 19.52
N ASP A 192 -9.45 29.91 18.95
CA ASP A 192 -9.52 31.21 18.29
C ASP A 192 -10.10 32.26 19.22
N LEU A 193 -9.80 32.18 20.50
CA LEU A 193 -10.37 33.04 21.52
C LEU A 193 -9.32 33.97 22.10
N GLU A 194 -9.79 35.04 22.73
CA GLU A 194 -8.90 35.92 23.48
C GLU A 194 -8.26 35.14 24.63
N ILE A 195 -7.08 35.60 25.07
CA ILE A 195 -6.33 34.86 26.08
C ILE A 195 -7.12 34.75 27.37
N GLY A 196 -7.92 35.76 27.70
CA GLY A 196 -8.76 35.68 28.88
C GLY A 196 -9.87 34.65 28.75
N GLN A 197 -10.52 34.62 27.59
CA GLN A 197 -11.55 33.63 27.32
C GLN A 197 -10.98 32.24 27.06
N HIS A 198 -9.71 32.17 26.63
CA HIS A 198 -9.09 30.87 26.39
C HIS A 198 -8.74 30.19 27.72
N ARG A 199 -8.14 30.94 28.65
CA ARG A 199 -7.79 30.37 29.94
C ARG A 199 -9.02 29.89 30.70
N THR A 200 -10.16 30.52 30.47
CA THR A 200 -11.42 30.03 31.04
C THR A 200 -11.75 28.65 30.49
N LYS A 201 -11.61 28.47 29.17
CA LYS A 201 -11.90 27.18 28.56
C LYS A 201 -10.90 26.10 29.02
N ILE A 202 -9.70 26.52 29.41
CA ILE A 202 -8.72 25.55 29.90
C ILE A 202 -9.13 25.00 31.25
N GLU A 203 -9.65 25.86 32.13
CA GLU A 203 -10.12 25.38 33.43
C GLU A 203 -11.32 24.47 33.29
N GLU A 204 -12.19 24.73 32.31
CA GLU A 204 -13.27 23.79 32.03
C GLU A 204 -12.73 22.43 31.61
N LEU A 205 -11.61 22.42 30.90
CA LEU A 205 -10.99 21.15 30.53
C LEU A 205 -10.35 20.49 31.75
N ARG A 206 -9.74 21.27 32.63
CA ARG A 206 -9.11 20.70 33.83
C ARG A 206 -10.18 20.19 34.81
N GLN A 207 -11.31 20.89 34.91
CA GLN A 207 -12.39 20.41 35.75
C GLN A 207 -13.08 19.18 35.14
N HIS A 208 -13.13 19.12 33.81
CA HIS A 208 -13.70 17.94 33.15
C HIS A 208 -12.82 16.71 33.36
N LEU A 209 -11.50 16.89 33.25
CA LEU A 209 -10.58 15.77 33.47
C LEU A 209 -10.53 15.38 34.94
N LEU A 210 -10.58 16.37 35.84
CA LEU A 210 -10.61 16.08 37.27
C LEU A 210 -11.86 15.28 37.65
N ARG A 211 -12.98 15.55 36.97
CA ARG A 211 -14.18 14.77 37.19
C ARG A 211 -13.96 13.30 36.84
N TRP A 212 -13.06 13.02 35.90
CA TRP A 212 -12.72 11.66 35.51
C TRP A 212 -11.39 11.20 36.11
N GLY A 213 -11.04 11.73 37.29
CA GLY A 213 -9.87 11.29 38.03
C GLY A 213 -8.53 11.62 37.42
N LEU A 214 -8.46 12.54 36.47
CA LEU A 214 -7.21 12.91 35.82
C LEU A 214 -6.83 14.33 36.26
N THR A 215 -5.73 14.44 37.00
CA THR A 215 -5.25 15.73 37.45
C THR A 215 -4.25 16.30 36.46
N THR A 216 -4.17 17.63 36.41
CA THR A 216 -3.25 18.35 35.54
C THR A 216 -2.38 19.24 36.42
N PRO A 217 -1.25 18.72 36.92
CA PRO A 217 -0.42 19.51 37.83
C PRO A 217 0.14 20.75 37.16
N ASP A 218 0.26 21.82 37.95
CA ASP A 218 0.75 23.10 37.43
C ASP A 218 2.20 23.03 36.99
N LYS A 219 2.97 22.06 37.51
CA LYS A 219 4.36 21.92 37.12
C LYS A 219 4.50 21.56 35.64
N LYS A 220 3.52 20.86 35.08
CA LYS A 220 3.52 20.50 33.67
C LYS A 220 2.48 21.29 32.87
N HIS A 221 2.09 22.46 33.38
CA HIS A 221 1.08 23.31 32.74
C HIS A 221 1.81 24.50 32.11
N GLN A 222 2.12 24.39 30.83
CA GLN A 222 2.81 25.46 30.12
C GLN A 222 1.81 26.53 29.69
N LYS A 223 2.17 27.79 29.92
CA LYS A 223 1.28 28.91 29.63
C LYS A 223 1.87 29.97 28.72
N GLU A 224 3.16 29.91 28.42
CA GLU A 224 3.82 30.91 27.59
C GLU A 224 4.71 30.24 26.57
N PRO A 225 4.84 30.81 25.36
CA PRO A 225 5.75 30.30 24.35
C PRO A 225 7.21 30.55 24.71
N PRO A 226 8.13 29.69 24.26
CA PRO A 226 7.89 28.51 23.43
C PRO A 226 7.28 27.34 24.22
N PHE A 227 6.41 26.57 23.56
CA PHE A 227 5.80 25.41 24.18
C PHE A 227 6.60 24.16 23.81
N LEU A 228 7.01 23.41 24.84
CA LEU A 228 7.73 22.15 24.63
C LEU A 228 6.70 21.06 24.34
N TRP A 229 6.57 20.70 23.08
CA TRP A 229 5.52 19.78 22.64
C TRP A 229 6.12 18.78 21.65
N MET A 230 6.07 17.50 22.01
CA MET A 230 6.48 16.39 21.14
C MET A 230 7.92 16.53 20.67
N GLY A 231 8.76 17.18 21.46
CA GLY A 231 10.15 17.36 21.09
C GLY A 231 10.43 18.55 20.21
N TYR A 232 9.51 19.50 20.15
CA TYR A 232 9.66 20.72 19.37
C TYR A 232 9.52 21.93 20.29
N GLU A 233 9.65 23.11 19.69
CA GLU A 233 9.44 24.38 20.40
C GLU A 233 8.48 25.21 19.57
N LEU A 234 7.27 25.43 20.10
CA LEU A 234 6.19 26.08 19.38
C LEU A 234 6.16 27.56 19.74
N HIS A 235 6.63 28.39 18.82
CA HIS A 235 6.49 29.84 18.92
C HIS A 235 5.18 30.27 18.28
N PRO A 236 4.75 31.53 18.49
CA PRO A 236 3.46 31.95 17.93
C PRO A 236 3.33 31.76 16.42
N ASP A 237 4.41 31.96 15.67
CA ASP A 237 4.34 31.89 14.21
C ASP A 237 5.30 30.90 13.57
N LYS A 238 6.08 30.17 14.37
CA LYS A 238 7.03 29.22 13.80
C LYS A 238 7.39 28.18 14.86
N TRP A 239 7.90 27.04 14.38
CA TRP A 239 8.32 25.97 15.26
C TRP A 239 9.74 25.55 14.90
N THR A 240 10.40 24.87 15.83
CA THR A 240 11.73 24.35 15.60
C THR A 240 11.91 23.07 16.40
N VAL A 241 12.86 22.26 15.97
CA VAL A 241 13.17 21.00 16.64
C VAL A 241 14.15 21.28 17.76
N GLN A 242 14.04 20.51 18.84
CA GLN A 242 14.98 20.65 19.94
C GLN A 242 16.39 20.28 19.47
N PRO A 243 17.43 20.85 20.09
CA PRO A 243 18.79 20.71 19.55
C PRO A 243 19.20 19.25 19.36
N ILE A 244 19.79 18.98 18.20
CA ILE A 244 20.25 17.65 17.84
C ILE A 244 21.77 17.64 17.90
N VAL A 245 22.31 16.79 18.77
CA VAL A 245 23.76 16.69 18.98
C VAL A 245 24.21 15.34 18.44
N LEU A 246 24.93 15.37 17.32
CA LEU A 246 25.43 14.13 16.73
C LEU A 246 26.56 13.56 17.58
N PRO A 247 26.68 12.23 17.64
CA PRO A 247 27.85 11.63 18.29
C PRO A 247 29.13 12.01 17.55
N GLU A 248 30.26 11.85 18.25
CA GLU A 248 31.54 12.25 17.67
C GLU A 248 32.63 11.34 18.23
N LYS A 249 32.58 10.07 17.86
CA LYS A 249 33.61 9.11 18.20
C LYS A 249 34.73 9.17 17.15
N ASP A 250 35.73 8.31 17.33
CA ASP A 250 36.76 8.09 16.32
C ASP A 250 36.86 6.64 15.86
N SER A 251 36.37 5.70 16.65
CA SER A 251 36.30 4.29 16.27
C SER A 251 34.84 3.89 16.19
N TRP A 252 34.17 4.33 15.13
CA TRP A 252 32.75 4.09 14.97
C TRP A 252 32.44 2.61 14.87
N THR A 253 31.46 2.15 15.63
CA THR A 253 30.98 0.78 15.58
C THR A 253 29.59 0.75 14.95
N VAL A 254 28.99 -0.44 14.91
CA VAL A 254 27.66 -0.59 14.33
C VAL A 254 26.63 0.17 15.16
N ASN A 255 26.69 0.01 16.50
CA ASN A 255 25.74 0.70 17.36
C ASN A 255 25.91 2.21 17.30
N ASP A 256 27.14 2.68 17.09
CA ASP A 256 27.37 4.12 16.97
C ASP A 256 26.80 4.67 15.66
N ILE A 257 26.96 3.92 14.57
CA ILE A 257 26.40 4.35 13.30
C ILE A 257 24.88 4.23 13.32
N CYS A 258 24.35 3.23 14.02
CA CYS A 258 22.90 3.03 14.06
C CYS A 258 22.19 4.20 14.74
N LYS A 259 22.84 4.85 15.69
CA LYS A 259 22.25 6.02 16.33
C LYS A 259 22.61 7.32 15.64
N LEU A 260 23.70 7.36 14.88
CA LEU A 260 24.01 8.54 14.08
C LEU A 260 23.06 8.67 12.92
N VAL A 261 22.81 7.55 12.20
CA VAL A 261 21.83 7.56 11.11
C VAL A 261 20.44 7.82 11.66
N GLY A 262 20.13 7.27 12.84
CA GLY A 262 18.82 7.49 13.43
C GLY A 262 18.56 8.94 13.77
N LYS A 263 19.62 9.65 14.22
CA LYS A 263 19.46 11.06 14.52
C LYS A 263 19.39 11.89 13.24
N LEU A 264 20.14 11.50 12.22
CA LEU A 264 20.08 12.22 10.95
C LEU A 264 18.72 12.07 10.28
N ASN A 265 18.14 10.86 10.35
CA ASN A 265 16.79 10.67 9.85
C ASN A 265 15.80 11.56 10.60
N TRP A 266 15.97 11.69 11.91
CA TRP A 266 15.12 12.58 12.69
C TRP A 266 15.39 14.04 12.33
N ALA A 267 16.62 14.38 11.93
CA ALA A 267 16.96 15.76 11.60
C ALA A 267 16.43 16.17 10.23
N SER A 268 16.30 15.22 9.31
CA SER A 268 15.93 15.54 7.93
C SER A 268 14.51 16.07 7.79
N GLN A 269 13.73 16.11 8.87
CA GLN A 269 12.36 16.63 8.80
C GLN A 269 12.30 18.14 8.66
N ILE A 270 13.40 18.85 8.92
CA ILE A 270 13.39 20.31 8.84
C ILE A 270 14.73 20.80 8.30
N TYR A 271 15.77 19.97 8.44
CA TYR A 271 17.09 20.31 7.90
C TYR A 271 17.18 19.80 6.46
N PRO A 272 17.21 20.66 5.46
CA PRO A 272 17.22 20.19 4.07
C PRO A 272 18.61 19.76 3.63
N GLY A 273 18.66 18.68 2.86
CA GLY A 273 19.90 18.19 2.28
C GLY A 273 20.56 17.03 3.01
N ILE A 274 19.87 16.38 3.93
CA ILE A 274 20.47 15.28 4.68
C ILE A 274 20.60 14.05 3.78
N LYS A 275 21.78 13.44 3.79
CA LYS A 275 22.07 12.25 2.99
C LYS A 275 22.71 11.20 3.89
N VAL A 276 22.20 9.98 3.84
CA VAL A 276 22.66 8.92 4.74
C VAL A 276 22.95 7.64 3.96
N ARG A 277 23.15 7.75 2.65
CA ARG A 277 23.39 6.55 1.84
C ARG A 277 24.69 5.87 2.23
N GLN A 278 25.80 6.62 2.24
CA GLN A 278 27.11 6.01 2.45
C GLN A 278 27.26 5.52 3.89
N LEU A 279 26.69 6.23 4.86
CA LEU A 279 26.76 5.77 6.23
C LEU A 279 25.96 4.49 6.44
N SER A 280 24.75 4.42 5.86
CA SER A 280 23.94 3.22 5.99
C SER A 280 24.52 2.03 5.22
N LYS A 281 25.34 2.29 4.20
CA LYS A 281 25.95 1.20 3.44
C LYS A 281 26.95 0.42 4.27
N LEU A 282 27.55 1.05 5.28
CA LEU A 282 28.56 0.37 6.10
C LEU A 282 27.93 -0.73 6.94
N LEU A 283 26.70 -0.54 7.40
CA LEU A 283 26.01 -1.47 8.29
C LEU A 283 25.60 -2.78 7.60
N ARG A 284 26.06 -3.05 6.38
CA ARG A 284 25.65 -4.24 5.67
C ARG A 284 26.48 -5.46 6.10
N GLY A 285 25.80 -6.58 6.29
CA GLY A 285 26.45 -7.83 6.62
C GLY A 285 27.00 -7.94 8.03
N THR A 286 26.79 -6.93 8.87
CA THR A 286 27.32 -6.96 10.23
C THR A 286 26.57 -8.00 11.07
N LYS A 287 27.11 -8.26 12.26
CA LYS A 287 26.55 -9.29 13.13
C LYS A 287 26.28 -8.79 14.54
N ALA A 288 27.15 -7.95 15.10
CA ALA A 288 27.02 -7.50 16.48
C ALA A 288 26.98 -5.98 16.54
N LEU A 289 26.43 -5.46 17.63
CA LEU A 289 26.36 -4.02 17.84
C LEU A 289 27.75 -3.44 18.14
N THR A 290 28.57 -4.19 18.88
CA THR A 290 29.91 -3.75 19.23
C THR A 290 30.90 -3.90 18.08
N GLU A 291 30.48 -4.46 16.95
CA GLU A 291 31.35 -4.67 15.81
C GLU A 291 31.84 -3.34 15.23
N VAL A 292 33.13 -3.06 15.38
CA VAL A 292 33.70 -1.81 14.92
C VAL A 292 33.89 -1.86 13.42
N ILE A 293 33.62 -0.74 12.74
CA ILE A 293 33.78 -0.64 11.29
C ILE A 293 34.42 0.71 10.96
N PRO A 294 35.51 0.72 10.18
CA PRO A 294 36.10 2.00 9.77
C PRO A 294 35.28 2.66 8.68
N LEU A 295 35.14 3.99 8.80
CA LEU A 295 34.41 4.75 7.80
C LEU A 295 35.19 4.81 6.49
N THR A 296 34.46 4.88 5.39
CA THR A 296 35.06 5.01 4.08
C THR A 296 35.34 6.49 3.78
N GLU A 297 35.99 6.75 2.64
CA GLU A 297 36.25 8.14 2.27
C GLU A 297 34.97 8.87 1.91
N GLU A 298 34.03 8.19 1.24
CA GLU A 298 32.75 8.82 0.95
C GLU A 298 31.90 8.96 2.20
N ALA A 299 32.11 8.09 3.19
CA ALA A 299 31.38 8.22 4.45
C ALA A 299 31.88 9.40 5.26
N GLU A 300 33.20 9.59 5.31
CA GLU A 300 33.75 10.78 5.97
C GLU A 300 33.27 12.05 5.27
N LEU A 301 33.20 12.02 3.94
CA LEU A 301 32.74 13.19 3.21
C LEU A 301 31.26 13.43 3.41
N GLU A 302 30.46 12.37 3.45
CA GLU A 302 29.02 12.53 3.66
C GLU A 302 28.72 13.01 5.07
N LEU A 303 29.43 12.47 6.06
CA LEU A 303 29.21 12.91 7.44
C LEU A 303 29.65 14.35 7.67
N ALA A 304 30.66 14.80 6.91
CA ALA A 304 31.13 16.17 7.07
C ALA A 304 30.10 17.17 6.55
N GLU A 305 29.59 16.96 5.34
CA GLU A 305 28.60 17.87 4.79
C GLU A 305 27.29 17.83 5.55
N ASN A 306 26.99 16.74 6.26
CA ASN A 306 25.83 16.70 7.14
C ASN A 306 26.04 17.59 8.37
N ARG A 307 27.22 17.48 8.98
CA ARG A 307 27.51 18.29 10.17
C ARG A 307 27.42 19.78 9.87
N GLU A 308 27.74 20.20 8.64
CA GLU A 308 27.66 21.60 8.29
C GLU A 308 26.22 22.07 8.18
N ILE A 309 25.31 21.20 7.74
CA ILE A 309 23.90 21.58 7.62
C ILE A 309 23.30 21.84 8.99
N LEU A 310 23.64 21.01 9.98
CA LEU A 310 23.07 21.16 11.31
C LEU A 310 23.57 22.40 12.03
N LYS A 311 24.73 22.94 11.65
CA LYS A 311 25.26 24.14 12.27
C LYS A 311 24.63 25.39 11.65
N GLU A 312 23.42 25.26 11.12
CA GLU A 312 22.71 26.34 10.47
C GLU A 312 21.33 26.50 11.10
N PRO A 313 20.85 27.74 11.27
CA PRO A 313 19.51 27.94 11.82
C PRO A 313 18.43 27.67 10.81
N VAL A 314 17.37 26.98 11.26
CA VAL A 314 16.26 26.63 10.40
C VAL A 314 15.03 26.44 11.27
N HIS A 315 13.86 26.66 10.69
CA HIS A 315 12.60 26.54 11.42
C HIS A 315 11.49 26.23 10.43
N GLY A 316 10.34 25.80 10.98
CA GLY A 316 9.16 25.55 10.19
C GLY A 316 8.05 26.54 10.51
N VAL A 317 6.97 26.44 9.74
CA VAL A 317 5.80 27.28 9.94
C VAL A 317 4.59 26.40 10.20
N TYR A 318 3.41 27.02 10.27
CA TYR A 318 2.18 26.30 10.53
C TYR A 318 1.31 26.29 9.28
N TYR A 319 0.41 25.31 9.22
CA TYR A 319 -0.36 25.03 8.01
C TYR A 319 -1.53 26.01 7.88
N ASP A 320 -1.68 26.57 6.68
CA ASP A 320 -2.81 27.43 6.35
C ASP A 320 -3.68 26.74 5.31
N PRO A 321 -4.86 26.24 5.67
CA PRO A 321 -5.64 25.43 4.71
C PRO A 321 -6.19 26.22 3.54
N SER A 322 -6.25 27.55 3.63
CA SER A 322 -6.77 28.35 2.53
C SER A 322 -5.80 28.47 1.37
N LYS A 323 -4.59 27.96 1.51
CA LYS A 323 -3.57 28.03 0.46
C LYS A 323 -3.18 26.64 0.02
N ASP A 324 -2.38 26.58 -1.04
CA ASP A 324 -1.98 25.31 -1.63
C ASP A 324 -0.84 24.67 -0.85
N LEU A 325 -0.71 23.36 -1.02
CA LEU A 325 0.45 22.61 -0.54
C LEU A 325 1.39 22.38 -1.71
N ILE A 326 2.65 22.77 -1.54
CA ILE A 326 3.65 22.69 -2.59
C ILE A 326 4.82 21.86 -2.10
N ALA A 327 5.21 20.86 -2.89
CA ALA A 327 6.35 20.01 -2.59
C ALA A 327 7.36 20.11 -3.72
N GLU A 328 8.61 20.38 -3.39
CA GLU A 328 9.69 20.55 -4.36
C GLU A 328 10.77 19.52 -4.07
N ILE A 329 11.06 18.66 -5.05
CA ILE A 329 11.99 17.56 -4.88
C ILE A 329 13.32 17.93 -5.55
N GLN A 330 14.41 17.67 -4.85
CA GLN A 330 15.76 17.90 -5.36
C GLN A 330 16.50 16.57 -5.39
N LYS A 331 17.29 16.35 -6.44
CA LYS A 331 17.99 15.09 -6.64
C LYS A 331 19.40 15.15 -6.09
N GLN A 332 19.79 14.08 -5.38
CA GLN A 332 21.18 13.80 -5.05
C GLN A 332 21.59 12.50 -5.73
N GLY A 333 22.90 12.28 -5.79
CA GLY A 333 23.42 11.11 -6.47
C GLY A 333 23.12 9.82 -5.72
N GLN A 334 23.44 8.70 -6.39
CA GLN A 334 23.33 7.37 -5.81
C GLN A 334 21.91 7.07 -5.32
N GLY A 335 20.93 7.57 -6.05
CA GLY A 335 19.54 7.32 -5.71
C GLY A 335 19.08 7.97 -4.43
N GLN A 336 19.51 9.21 -4.18
CA GLN A 336 19.09 9.98 -3.01
C GLN A 336 18.25 11.16 -3.45
N TRP A 337 17.24 11.49 -2.65
CA TRP A 337 16.34 12.58 -2.96
C TRP A 337 15.99 13.34 -1.68
N THR A 338 15.80 14.64 -1.82
CA THR A 338 15.34 15.49 -0.73
C THR A 338 14.19 16.35 -1.24
N TYR A 339 13.26 16.68 -0.34
CA TYR A 339 12.10 17.45 -0.72
C TYR A 339 11.79 18.50 0.35
N GLN A 340 11.06 19.52 -0.07
CA GLN A 340 10.68 20.64 0.80
C GLN A 340 9.23 20.98 0.54
N ILE A 341 8.42 20.99 1.61
CA ILE A 341 7.00 21.30 1.53
C ILE A 341 6.77 22.69 2.09
N TYR A 342 6.03 23.51 1.37
CA TYR A 342 5.77 24.89 1.78
C TYR A 342 4.50 25.39 1.12
N GLN A 343 4.02 26.53 1.58
CA GLN A 343 2.90 27.24 0.98
C GLN A 343 3.31 28.59 0.41
N GLU A 344 4.22 29.30 1.07
CA GLU A 344 4.84 30.52 0.59
C GLU A 344 6.31 30.25 0.29
N PRO A 345 6.90 30.93 -0.70
CA PRO A 345 8.29 30.63 -1.08
C PRO A 345 9.26 30.88 0.07
N PHE A 346 10.12 29.89 0.31
CA PHE A 346 11.18 29.96 1.32
C PHE A 346 10.61 30.07 2.74
N LYS A 347 9.41 29.52 2.96
CA LYS A 347 8.81 29.39 4.29
C LYS A 347 8.32 27.94 4.40
N ASN A 348 9.27 27.04 4.62
CA ASN A 348 8.97 25.61 4.62
C ASN A 348 8.04 25.22 5.77
N LEU A 349 7.04 24.41 5.45
CA LEU A 349 6.29 23.72 6.50
C LEU A 349 7.13 22.63 7.12
N LYS A 350 7.75 21.80 6.29
CA LYS A 350 8.70 20.78 6.74
C LYS A 350 9.50 20.34 5.53
N THR A 351 10.55 19.57 5.79
CA THR A 351 11.34 18.98 4.72
C THR A 351 11.41 17.47 4.90
N GLY A 352 12.23 16.81 4.09
CA GLY A 352 12.36 15.36 4.20
C GLY A 352 13.31 14.84 3.14
N LYS A 353 13.48 13.53 3.14
CA LYS A 353 14.36 12.86 2.20
C LYS A 353 13.76 11.52 1.82
N TYR A 354 14.19 11.02 0.65
CA TYR A 354 13.80 9.68 0.20
C TYR A 354 15.01 9.03 -0.44
N ALA A 355 15.39 7.84 0.05
CA ALA A 355 16.52 7.14 -0.52
C ALA A 355 16.34 5.63 -0.50
N ARG A 356 15.09 5.14 -0.41
CA ARG A 356 14.84 3.70 -0.36
C ARG A 356 15.16 3.08 -1.72
N MET A 357 16.19 2.24 -1.75
CA MET A 357 16.60 1.58 -2.99
C MET A 357 15.65 0.41 -3.24
N ARG A 358 14.76 0.56 -4.22
CA ARG A 358 13.81 -0.47 -4.59
C ARG A 358 14.21 -1.09 -5.93
N GLY A 359 14.08 -2.41 -6.02
CA GLY A 359 14.35 -3.11 -7.26
C GLY A 359 15.82 -3.30 -7.54
N ALA A 360 16.18 -4.45 -8.12
CA ALA A 360 17.57 -4.69 -8.50
C ALA A 360 18.02 -3.72 -9.59
N HIS A 361 17.11 -3.37 -10.49
CA HIS A 361 17.41 -2.46 -11.59
C HIS A 361 16.36 -1.36 -11.62
N THR A 362 16.80 -0.12 -11.82
CA THR A 362 15.91 1.02 -11.82
C THR A 362 16.61 2.20 -12.49
N ASN A 363 15.88 3.30 -12.66
CA ASN A 363 16.43 4.53 -13.20
C ASN A 363 15.94 5.70 -12.35
N ASP A 364 16.33 6.91 -12.75
CA ASP A 364 15.97 8.10 -11.98
C ASP A 364 14.47 8.39 -12.05
N VAL A 365 13.82 8.10 -13.18
CA VAL A 365 12.41 8.42 -13.33
C VAL A 365 11.57 7.53 -12.42
N LYS A 366 11.94 6.25 -12.29
CA LYS A 366 11.25 5.38 -11.34
C LYS A 366 11.40 5.91 -9.92
N GLN A 367 12.63 6.26 -9.53
CA GLN A 367 12.88 6.76 -8.18
C GLN A 367 12.14 8.07 -7.93
N LEU A 368 12.01 8.92 -8.95
CA LEU A 368 11.25 10.16 -8.79
C LEU A 368 9.77 9.87 -8.59
N THR A 369 9.23 8.91 -9.34
CA THR A 369 7.83 8.53 -9.15
C THR A 369 7.61 7.93 -7.77
N GLU A 370 8.58 7.16 -7.27
CA GLU A 370 8.46 6.58 -5.94
C GLU A 370 8.49 7.66 -4.87
N ALA A 371 9.33 8.69 -5.05
CA ALA A 371 9.37 9.78 -4.08
C ALA A 371 8.08 10.60 -4.10
N VAL A 372 7.46 10.77 -5.27
CA VAL A 372 6.19 11.47 -5.35
C VAL A 372 5.12 10.73 -4.57
N GLN A 373 5.16 9.40 -4.60
CA GLN A 373 4.15 8.61 -3.90
C GLN A 373 4.36 8.65 -2.40
N LYS A 374 5.62 8.55 -1.94
CA LYS A 374 5.89 8.60 -0.52
C LYS A 374 5.53 9.96 0.07
N ILE A 375 5.76 11.03 -0.69
CA ILE A 375 5.39 12.37 -0.23
C ILE A 375 3.88 12.53 -0.22
N THR A 376 3.20 11.98 -1.23
CA THR A 376 1.75 12.10 -1.31
C THR A 376 1.08 11.39 -0.14
N THR A 377 1.51 10.16 0.14
CA THR A 377 0.96 9.44 1.30
C THR A 377 1.30 10.15 2.60
N GLU A 378 2.52 10.68 2.71
CA GLU A 378 2.91 11.40 3.92
C GLU A 378 2.13 12.70 4.08
N SER A 379 1.80 13.37 2.97
CA SER A 379 1.05 14.61 3.07
C SER A 379 -0.41 14.36 3.43
N ILE A 380 -0.97 13.21 3.02
CA ILE A 380 -2.35 12.89 3.37
C ILE A 380 -2.49 12.66 4.87
N VAL A 381 -1.44 12.14 5.52
CA VAL A 381 -1.50 11.94 6.96
C VAL A 381 -1.45 13.26 7.70
N ILE A 382 -0.55 14.16 7.28
CA ILE A 382 -0.33 15.39 8.04
C ILE A 382 -1.39 16.43 7.74
N TRP A 383 -1.80 16.56 6.48
CA TRP A 383 -2.73 17.62 6.08
C TRP A 383 -4.02 17.12 5.46
N GLY A 384 -4.12 15.85 5.12
CA GLY A 384 -5.35 15.31 4.57
C GLY A 384 -5.61 15.63 3.12
N LYS A 385 -4.64 16.19 2.41
CA LYS A 385 -4.80 16.49 0.99
C LYS A 385 -3.48 16.23 0.27
N THR A 386 -3.53 16.29 -1.06
CA THR A 386 -2.38 16.02 -1.90
C THR A 386 -1.72 17.32 -2.32
N PRO A 387 -0.40 17.44 -2.21
CA PRO A 387 0.28 18.68 -2.59
C PRO A 387 0.54 18.76 -4.08
N LYS A 388 0.78 20.00 -4.53
CA LYS A 388 1.22 20.24 -5.90
C LYS A 388 2.74 20.20 -5.95
N PHE A 389 3.28 19.53 -6.97
CA PHE A 389 4.70 19.23 -7.02
C PHE A 389 5.46 20.18 -7.94
N LYS A 390 6.74 20.36 -7.62
CA LYS A 390 7.69 21.08 -8.46
C LYS A 390 8.86 20.13 -8.69
N LEU A 391 8.86 19.45 -9.83
CA LEU A 391 9.84 18.39 -10.06
C LEU A 391 10.91 18.83 -11.05
N PRO A 392 12.16 18.38 -10.86
CA PRO A 392 13.26 18.70 -11.79
C PRO A 392 13.32 17.76 -12.99
N ILE A 393 12.18 17.58 -13.66
CA ILE A 393 12.09 16.71 -14.82
C ILE A 393 11.28 17.43 -15.89
N GLN A 394 11.74 17.34 -17.14
CA GLN A 394 11.05 17.99 -18.24
C GLN A 394 9.71 17.31 -18.50
N LYS A 395 8.75 18.09 -19.01
CA LYS A 395 7.48 17.53 -19.43
C LYS A 395 7.66 16.48 -20.51
N GLU A 396 8.59 16.72 -21.44
CA GLU A 396 8.84 15.77 -22.52
C GLU A 396 9.50 14.50 -21.99
N THR A 397 10.39 14.64 -21.01
CA THR A 397 11.04 13.47 -20.44
C THR A 397 10.04 12.55 -19.75
N TRP A 398 9.01 13.12 -19.12
CA TRP A 398 7.98 12.32 -18.49
C TRP A 398 7.03 11.72 -19.53
N GLU A 399 6.64 12.52 -20.54
CA GLU A 399 5.76 12.01 -21.59
C GLU A 399 6.41 10.84 -22.33
N THR A 400 7.73 10.91 -22.53
CA THR A 400 8.44 9.82 -23.19
C THR A 400 8.43 8.56 -22.34
N TRP A 401 8.60 8.71 -21.02
CA TRP A 401 8.72 7.54 -20.15
C TRP A 401 7.43 6.76 -20.08
N TRP A 402 6.32 7.42 -19.70
CA TRP A 402 5.07 6.71 -19.55
C TRP A 402 4.45 6.32 -20.89
N THR A 403 5.01 6.78 -22.01
CA THR A 403 4.58 6.29 -23.31
C THR A 403 5.09 4.87 -23.55
N GLU A 404 6.38 4.66 -23.31
CA GLU A 404 7.01 3.36 -23.59
C GLU A 404 6.92 2.39 -22.43
N TYR A 405 6.80 2.89 -21.20
CA TYR A 405 6.75 2.00 -20.04
C TYR A 405 5.45 1.22 -20.02
N TRP A 406 5.57 -0.10 -19.94
CA TRP A 406 4.40 -0.98 -20.05
C TRP A 406 3.48 -0.92 -18.85
N GLN A 407 3.91 -0.33 -17.73
CA GLN A 407 3.11 -0.27 -16.53
C GLN A 407 2.45 1.10 -16.40
N ALA A 408 1.31 1.12 -15.71
CA ALA A 408 0.61 2.36 -15.43
C ALA A 408 1.35 3.13 -14.36
N THR A 409 1.79 4.35 -14.69
CA THR A 409 2.46 5.23 -13.75
C THR A 409 1.93 6.64 -13.94
N TRP A 410 1.72 7.34 -12.82
CA TRP A 410 1.09 8.65 -12.88
C TRP A 410 1.63 9.52 -11.75
N ILE A 411 1.78 10.81 -12.04
CA ILE A 411 2.22 11.81 -11.08
C ILE A 411 1.14 12.90 -11.04
N PRO A 412 0.72 13.36 -9.86
CA PRO A 412 -0.32 14.40 -9.80
C PRO A 412 0.13 15.74 -10.38
N GLU A 413 -0.67 16.77 -10.17
CA GLU A 413 -0.40 18.08 -10.76
C GLU A 413 0.99 18.57 -10.37
N TRP A 414 1.84 18.81 -11.37
CA TRP A 414 3.21 19.22 -11.14
C TRP A 414 3.65 20.19 -12.23
N GLU A 415 4.80 20.82 -12.01
CA GLU A 415 5.41 21.67 -13.02
C GLU A 415 6.92 21.53 -12.93
N PHE A 416 7.58 21.81 -14.06
CA PHE A 416 9.02 21.63 -14.16
C PHE A 416 9.77 22.81 -13.54
N VAL A 417 10.83 22.50 -12.80
CA VAL A 417 11.71 23.51 -12.21
C VAL A 417 13.12 23.23 -12.66
N ASN A 418 13.86 24.29 -12.98
CA ASN A 418 15.22 24.17 -13.49
C ASN A 418 16.23 24.26 -12.34
N THR A 419 16.28 23.17 -11.56
CA THR A 419 17.22 23.03 -10.46
C THR A 419 18.01 21.75 -10.68
N PRO A 420 19.13 21.81 -11.41
CA PRO A 420 20.03 20.67 -11.68
C PRO A 420 20.48 19.97 -10.40
N PRO A 421 20.83 18.67 -10.48
CA PRO A 421 20.84 17.85 -11.70
C PRO A 421 19.44 17.40 -12.15
N LEU A 422 19.11 17.64 -13.41
CA LEU A 422 17.81 17.26 -13.93
C LEU A 422 17.71 15.74 -14.08
N VAL A 423 16.47 15.26 -14.09
CA VAL A 423 16.19 13.84 -14.26
C VAL A 423 15.94 13.58 -15.74
N LYS A 424 16.71 12.65 -16.32
CA LYS A 424 16.61 12.36 -17.74
C LYS A 424 16.80 10.87 -17.97
N LEU A 425 16.42 10.42 -19.17
CA LEU A 425 16.67 9.06 -19.63
C LEU A 425 17.98 9.05 -20.41
N TRP A 426 18.93 8.24 -19.97
CA TRP A 426 20.27 8.27 -20.53
C TRP A 426 20.39 7.57 -21.88
N TYR A 427 19.36 6.86 -22.31
CA TYR A 427 19.35 6.22 -23.62
C TYR A 427 17.92 5.80 -23.93
N GLN A 428 17.65 5.61 -25.23
CA GLN A 428 16.34 5.20 -25.71
C GLN A 428 16.50 4.05 -26.70
N LEU A 429 15.83 2.94 -26.42
CA LEU A 429 15.80 1.84 -27.38
C LEU A 429 14.95 2.20 -28.58
N GLU A 430 15.40 1.78 -29.76
CA GLU A 430 14.64 2.06 -30.97
C GLU A 430 13.37 1.21 -31.01
N LYS A 431 12.37 1.72 -31.72
CA LYS A 431 11.11 1.00 -31.90
C LYS A 431 11.07 0.19 -33.19
N GLU A 432 11.97 0.48 -34.13
CA GLU A 432 12.05 -0.22 -35.41
C GLU A 432 13.50 -0.61 -35.67
N PRO A 433 13.73 -1.66 -36.46
CA PRO A 433 15.10 -2.06 -36.76
C PRO A 433 15.86 -0.97 -37.50
N ILE A 434 17.15 -0.87 -37.22
CA ILE A 434 17.99 0.20 -37.74
C ILE A 434 18.56 -0.21 -39.08
N VAL A 435 18.36 0.64 -40.10
CA VAL A 435 18.89 0.39 -41.43
C VAL A 435 20.37 0.73 -41.44
N GLY A 436 21.18 -0.17 -42.00
CA GLY A 436 22.61 0.03 -42.05
C GLY A 436 23.36 -0.39 -40.80
N ALA A 437 22.67 -0.96 -39.82
CA ALA A 437 23.30 -1.40 -38.58
C ALA A 437 23.48 -2.92 -38.60
N GLU A 438 24.63 -3.37 -38.12
CA GLU A 438 24.94 -4.79 -38.10
C GLU A 438 23.98 -5.53 -37.16
N THR A 439 23.44 -6.65 -37.64
CA THR A 439 22.47 -7.42 -36.89
C THR A 439 23.18 -8.51 -36.09
N PHE A 440 23.07 -8.45 -34.77
CA PHE A 440 23.68 -9.42 -33.87
C PHE A 440 22.62 -10.38 -33.36
N TYR A 441 22.88 -11.68 -33.52
CA TYR A 441 22.05 -12.73 -32.92
C TYR A 441 22.81 -13.30 -31.75
N VAL A 442 22.38 -12.94 -30.53
CA VAL A 442 23.09 -13.30 -29.31
C VAL A 442 22.35 -14.44 -28.62
N ASP A 443 23.09 -15.22 -27.83
CA ASP A 443 22.51 -16.31 -27.06
C ASP A 443 23.51 -16.74 -26.00
N GLY A 444 22.97 -17.22 -24.89
CA GLY A 444 23.79 -17.76 -23.83
C GLY A 444 23.23 -19.08 -23.32
N ALA A 445 24.13 -19.93 -22.84
CA ALA A 445 23.74 -21.24 -22.35
C ALA A 445 24.70 -21.66 -21.24
N ALA A 446 24.16 -22.30 -20.21
CA ALA A 446 24.94 -22.71 -19.06
C ALA A 446 24.50 -24.10 -18.60
N ASN A 447 25.43 -24.82 -17.98
CA ASN A 447 25.16 -26.15 -17.44
C ASN A 447 24.93 -26.05 -15.94
N ARG A 448 23.82 -26.64 -15.49
CA ARG A 448 23.44 -26.51 -14.09
C ARG A 448 24.40 -27.24 -13.16
N GLU A 449 24.87 -28.42 -13.57
CA GLU A 449 25.71 -29.23 -12.70
C GLU A 449 27.08 -28.59 -12.47
N THR A 450 27.80 -28.29 -13.56
CA THR A 450 29.18 -27.83 -13.47
C THR A 450 29.31 -26.32 -13.37
N LYS A 451 28.21 -25.57 -13.52
CA LYS A 451 28.21 -24.10 -13.50
C LYS A 451 29.05 -23.50 -14.63
N LEU A 452 29.34 -24.28 -15.67
CA LEU A 452 30.04 -23.78 -16.84
C LEU A 452 29.06 -23.29 -17.88
N GLY A 453 29.47 -22.27 -18.64
CA GLY A 453 28.60 -21.69 -19.64
C GLY A 453 29.39 -21.03 -20.76
N LYS A 454 28.65 -20.62 -21.79
CA LYS A 454 29.21 -19.92 -22.93
C LYS A 454 28.25 -18.84 -23.40
N ALA A 455 28.79 -17.67 -23.68
CA ALA A 455 28.03 -16.56 -24.24
C ALA A 455 28.70 -16.09 -25.52
N GLY A 456 27.89 -15.86 -26.56
CA GLY A 456 28.45 -15.46 -27.83
C GLY A 456 27.39 -14.91 -28.75
N TYR A 457 27.79 -14.70 -30.00
CA TYR A 457 26.91 -14.11 -31.00
C TYR A 457 27.36 -14.52 -32.39
N VAL A 458 26.45 -14.37 -33.35
CA VAL A 458 26.76 -14.41 -34.77
C VAL A 458 26.12 -13.18 -35.41
N THR A 459 26.82 -12.58 -36.36
CA THR A 459 26.34 -11.39 -37.05
C THR A 459 26.02 -11.73 -38.50
N ASN A 460 25.09 -10.97 -39.08
CA ASN A 460 24.72 -11.15 -40.48
C ASN A 460 25.86 -10.81 -41.43
N ARG A 461 26.92 -10.16 -40.94
CA ARG A 461 28.07 -9.81 -41.76
C ARG A 461 29.21 -10.82 -41.63
N GLY A 462 28.94 -12.00 -41.05
CA GLY A 462 29.90 -13.08 -41.01
C GLY A 462 30.70 -13.18 -39.73
N ARG A 463 30.61 -12.21 -38.83
CA ARG A 463 31.38 -12.24 -37.60
C ARG A 463 30.74 -13.16 -36.57
N GLN A 464 31.58 -13.81 -35.77
CA GLN A 464 31.10 -14.63 -34.67
C GLN A 464 32.18 -14.70 -33.59
N LYS A 465 31.73 -14.81 -32.34
CA LYS A 465 32.61 -14.82 -31.18
C LYS A 465 31.95 -15.64 -30.09
N VAL A 466 32.76 -16.34 -29.31
CA VAL A 466 32.27 -17.17 -28.21
C VAL A 466 33.18 -16.96 -27.00
N VAL A 467 32.57 -16.66 -25.85
CA VAL A 467 33.29 -16.43 -24.60
C VAL A 467 32.84 -17.48 -23.59
N THR A 468 33.80 -18.15 -22.96
CA THR A 468 33.53 -19.14 -21.94
C THR A 468 33.41 -18.47 -20.57
N LEU A 469 32.53 -19.02 -19.74
CA LEU A 469 32.25 -18.46 -18.43
C LEU A 469 32.35 -19.55 -17.36
N THR A 470 32.66 -19.13 -16.14
CA THR A 470 32.79 -20.04 -15.00
C THR A 470 31.96 -19.50 -13.84
N ASP A 471 31.27 -20.42 -13.15
CA ASP A 471 30.39 -20.08 -12.04
C ASP A 471 29.32 -19.08 -12.47
N THR A 472 28.53 -19.49 -13.45
CA THR A 472 27.52 -18.64 -14.06
C THR A 472 26.18 -19.38 -14.09
N THR A 473 25.13 -18.64 -14.39
CA THR A 473 23.79 -19.17 -14.55
C THR A 473 23.34 -18.98 -15.99
N ASN A 474 22.19 -19.59 -16.32
CA ASN A 474 21.65 -19.44 -17.67
C ASN A 474 21.22 -18.00 -17.93
N GLN A 475 20.74 -17.29 -16.91
CA GLN A 475 20.34 -15.90 -17.10
C GLN A 475 21.55 -15.00 -17.27
N LYS A 476 22.64 -15.29 -16.58
CA LYS A 476 23.84 -14.47 -16.68
C LYS A 476 24.50 -14.62 -18.05
N THR A 477 24.46 -15.83 -18.62
CA THR A 477 25.03 -16.03 -19.95
C THR A 477 24.25 -15.25 -21.00
N GLU A 478 22.92 -15.18 -20.86
CA GLU A 478 22.13 -14.37 -21.79
C GLU A 478 22.46 -12.89 -21.65
N LEU A 479 22.73 -12.43 -20.42
CA LEU A 479 23.15 -11.05 -20.23
C LEU A 479 24.58 -10.84 -20.69
N GLN A 480 25.45 -11.82 -20.46
CA GLN A 480 26.83 -11.70 -20.92
C GLN A 480 26.92 -11.65 -22.44
N ALA A 481 25.97 -12.29 -23.14
CA ALA A 481 25.98 -12.25 -24.60
C ALA A 481 25.56 -10.88 -25.11
N ILE A 482 24.57 -10.26 -24.46
CA ILE A 482 24.13 -8.93 -24.87
C ILE A 482 25.24 -7.90 -24.64
N TYR A 483 25.97 -8.05 -23.52
CA TYR A 483 27.10 -7.17 -23.26
C TYR A 483 28.21 -7.37 -24.27
N LEU A 484 28.38 -8.60 -24.78
CA LEU A 484 29.42 -8.86 -25.77
C LEU A 484 29.07 -8.25 -27.12
N ALA A 485 27.79 -8.26 -27.47
CA ALA A 485 27.37 -7.67 -28.73
C ALA A 485 27.59 -6.15 -28.73
N LEU A 486 27.27 -5.50 -27.61
CA LEU A 486 27.50 -4.06 -27.51
C LEU A 486 28.99 -3.72 -27.55
N GLN A 487 29.85 -4.61 -27.04
CA GLN A 487 31.27 -4.32 -26.99
C GLN A 487 31.89 -4.33 -28.39
N ASP A 488 31.43 -5.21 -29.27
CA ASP A 488 32.06 -5.44 -30.56
C ASP A 488 31.28 -4.85 -31.73
N SER A 489 30.27 -4.03 -31.46
CA SER A 489 29.47 -3.42 -32.51
C SER A 489 29.77 -1.94 -32.64
N GLY A 490 29.20 -1.32 -33.67
CA GLY A 490 29.35 0.09 -33.90
C GLY A 490 28.37 0.91 -33.08
N LEU A 491 28.32 2.20 -33.40
CA LEU A 491 27.44 3.12 -32.70
C LEU A 491 25.96 2.85 -32.95
N GLU A 492 25.63 2.04 -33.96
CA GLU A 492 24.27 1.63 -34.24
C GLU A 492 24.26 0.12 -34.48
N VAL A 493 23.39 -0.59 -33.77
CA VAL A 493 23.41 -2.05 -33.78
C VAL A 493 22.00 -2.58 -33.53
N ASN A 494 21.67 -3.68 -34.19
CA ASN A 494 20.46 -4.44 -33.92
C ASN A 494 20.83 -5.73 -33.22
N ILE A 495 20.18 -6.01 -32.09
CA ILE A 495 20.44 -7.19 -31.29
C ILE A 495 19.17 -8.03 -31.22
N VAL A 496 19.31 -9.34 -31.42
CA VAL A 496 18.20 -10.28 -31.34
C VAL A 496 18.55 -11.31 -30.28
N THR A 497 17.80 -11.34 -29.19
CA THR A 497 18.00 -12.27 -28.10
C THR A 497 16.77 -13.13 -27.90
N ASP A 498 16.96 -14.30 -27.30
CA ASP A 498 15.86 -15.19 -26.99
C ASP A 498 15.45 -15.16 -25.53
N SER A 499 16.08 -14.30 -24.72
CA SER A 499 15.86 -14.26 -23.28
C SER A 499 14.92 -13.10 -22.97
N GLN A 500 13.66 -13.41 -22.65
CA GLN A 500 12.74 -12.38 -22.19
C GLN A 500 13.13 -11.84 -20.83
N TYR A 501 13.93 -12.57 -20.06
CA TYR A 501 14.48 -12.03 -18.83
C TYR A 501 15.40 -10.85 -19.12
N ALA A 502 16.33 -11.02 -20.06
CA ALA A 502 17.24 -9.93 -20.40
C ALA A 502 16.52 -8.82 -21.16
N LEU A 503 15.54 -9.19 -22.00
CA LEU A 503 14.78 -8.18 -22.73
C LEU A 503 13.98 -7.30 -21.78
N GLY A 504 13.39 -7.90 -20.73
CA GLY A 504 12.59 -7.13 -19.80
C GLY A 504 13.40 -6.12 -19.00
N ILE A 505 14.65 -6.45 -18.68
CA ILE A 505 15.48 -5.53 -17.92
C ILE A 505 15.88 -4.33 -18.76
N ILE A 506 16.28 -4.56 -20.01
CA ILE A 506 16.82 -3.48 -20.82
C ILE A 506 15.71 -2.54 -21.30
N GLN A 507 14.51 -3.06 -21.55
CA GLN A 507 13.43 -2.19 -22.00
C GLN A 507 13.01 -1.20 -20.91
N ALA A 508 13.19 -1.56 -19.65
CA ALA A 508 12.85 -0.66 -18.54
C ALA A 508 13.81 0.52 -18.42
N GLN A 509 14.88 0.55 -19.24
CA GLN A 509 15.86 1.62 -19.28
C GLN A 509 16.46 1.91 -17.91
N PRO A 510 17.21 0.98 -17.32
CA PRO A 510 17.86 1.28 -16.04
C PRO A 510 19.16 2.04 -16.24
N ASP A 511 19.47 2.89 -15.27
CA ASP A 511 20.76 3.56 -15.22
C ASP A 511 21.61 3.15 -14.02
N GLN A 512 21.06 2.36 -13.10
CA GLN A 512 21.81 1.84 -11.97
C GLN A 512 21.28 0.45 -11.65
N SER A 513 22.16 -0.40 -11.13
CA SER A 513 21.79 -1.78 -10.87
C SER A 513 22.71 -2.36 -9.80
N GLU A 514 22.16 -3.29 -9.03
CA GLU A 514 22.98 -4.05 -8.08
C GLU A 514 23.99 -4.91 -8.81
N SER A 515 23.65 -5.39 -10.00
CA SER A 515 24.54 -6.24 -10.78
C SER A 515 25.55 -5.39 -11.52
N GLU A 516 26.84 -5.70 -11.33
CA GLU A 516 27.89 -4.99 -12.06
C GLU A 516 27.85 -5.31 -13.54
N LEU A 517 27.41 -6.52 -13.90
CA LEU A 517 27.27 -6.87 -15.32
C LEU A 517 26.22 -5.99 -15.99
N VAL A 518 25.10 -5.73 -15.30
CA VAL A 518 24.07 -4.88 -15.87
C VAL A 518 24.57 -3.44 -15.97
N ASN A 519 25.35 -2.99 -14.98
CA ASN A 519 25.94 -1.66 -15.06
C ASN A 519 26.86 -1.51 -16.26
N GLN A 520 27.64 -2.55 -16.55
CA GLN A 520 28.48 -2.53 -17.75
C GLN A 520 27.64 -2.49 -19.02
N ILE A 521 26.48 -3.14 -19.02
CA ILE A 521 25.57 -3.06 -20.15
C ILE A 521 24.99 -1.65 -20.27
N ILE A 522 24.67 -1.03 -19.14
CA ILE A 522 24.10 0.32 -19.17
C ILE A 522 25.09 1.31 -19.73
N GLU A 523 26.35 1.22 -19.33
CA GLU A 523 27.36 2.14 -19.82
C GLU A 523 27.53 2.03 -21.33
N GLN A 524 27.45 0.80 -21.87
CA GLN A 524 27.55 0.62 -23.31
C GLN A 524 26.35 1.22 -24.03
N LEU A 525 25.15 1.07 -23.43
CA LEU A 525 23.94 1.60 -24.07
C LEU A 525 23.93 3.12 -24.10
N ILE A 526 24.63 3.77 -23.16
CA ILE A 526 24.69 5.23 -23.18
C ILE A 526 25.60 5.73 -24.30
N LYS A 527 26.68 5.00 -24.59
CA LYS A 527 27.61 5.43 -25.62
C LYS A 527 27.07 5.19 -27.02
N LYS A 528 26.18 4.21 -27.19
CA LYS A 528 25.61 3.94 -28.49
C LYS A 528 24.68 5.06 -28.94
N GLU A 529 24.61 5.30 -30.24
CA GLU A 529 23.70 6.28 -30.80
C GLU A 529 22.33 5.68 -31.11
N LYS A 530 22.27 4.43 -31.51
CA LYS A 530 21.00 3.75 -31.79
C LYS A 530 21.13 2.28 -31.43
N VAL A 531 20.14 1.76 -30.70
CA VAL A 531 20.08 0.35 -30.32
C VAL A 531 18.66 -0.14 -30.52
N TYR A 532 18.51 -1.28 -31.21
CA TYR A 532 17.23 -1.94 -31.37
C TYR A 532 17.36 -3.37 -30.85
N LEU A 533 16.42 -3.77 -30.00
CA LEU A 533 16.46 -5.06 -29.33
C LEU A 533 15.18 -5.83 -29.65
N ALA A 534 15.30 -6.92 -30.39
CA ALA A 534 14.19 -7.79 -30.75
C ALA A 534 14.26 -9.08 -29.94
N TRP A 535 13.19 -9.86 -30.01
CA TRP A 535 13.09 -11.11 -29.28
C TRP A 535 12.52 -12.20 -30.17
N VAL A 536 13.11 -13.38 -30.10
CA VAL A 536 12.64 -14.55 -30.84
C VAL A 536 12.53 -15.73 -29.87
N PRO A 537 11.58 -16.64 -30.06
CA PRO A 537 11.50 -17.81 -29.18
C PRO A 537 12.67 -18.75 -29.40
N ALA A 538 13.29 -19.19 -28.31
CA ALA A 538 14.45 -20.05 -28.39
C ALA A 538 14.06 -21.48 -28.78
N HIS A 539 15.02 -22.20 -29.36
CA HIS A 539 14.85 -23.61 -29.71
C HIS A 539 13.70 -23.82 -30.68
N LYS A 540 13.55 -22.90 -31.64
CA LYS A 540 12.50 -22.98 -32.65
C LYS A 540 13.06 -22.95 -34.07
N GLY A 541 14.38 -22.94 -34.22
CA GLY A 541 15.00 -22.99 -35.53
C GLY A 541 15.10 -21.68 -36.27
N ILE A 542 14.64 -20.58 -35.67
CA ILE A 542 14.73 -19.28 -36.34
C ILE A 542 16.19 -18.86 -36.45
N GLY A 543 16.55 -18.31 -37.61
CA GLY A 543 17.90 -17.83 -37.83
C GLY A 543 18.01 -16.32 -37.68
N GLY A 544 19.18 -15.85 -37.26
CA GLY A 544 20.30 -16.71 -36.96
C GLY A 544 20.37 -17.11 -35.50
N ASN A 545 19.21 -17.10 -34.83
CA ASN A 545 19.14 -17.57 -33.45
C ASN A 545 19.55 -19.04 -33.34
N GLU A 546 19.39 -19.80 -34.42
CA GLU A 546 19.83 -21.19 -34.41
C GLU A 546 21.34 -21.31 -34.49
N GLN A 547 21.97 -20.49 -35.34
CA GLN A 547 23.43 -20.57 -35.51
C GLN A 547 24.16 -20.23 -34.23
N VAL A 548 23.66 -19.23 -33.48
CA VAL A 548 24.32 -18.86 -32.24
C VAL A 548 23.97 -19.85 -31.13
N ASP A 549 22.76 -20.41 -31.13
CA ASP A 549 22.40 -21.39 -30.11
C ASP A 549 23.25 -22.64 -30.21
N LYS A 550 23.47 -23.13 -31.44
CA LYS A 550 24.33 -24.30 -31.62
C LYS A 550 25.76 -23.99 -31.24
N LEU A 551 26.17 -22.72 -31.31
CA LEU A 551 27.54 -22.35 -31.02
C LEU A 551 27.81 -22.31 -29.52
N VAL A 552 26.86 -21.80 -28.74
CA VAL A 552 27.06 -21.69 -27.30
C VAL A 552 26.70 -22.98 -26.56
N SER A 553 25.82 -23.80 -27.13
CA SER A 553 25.46 -25.06 -26.50
C SER A 553 26.54 -26.12 -26.66
N ALA A 554 27.46 -25.94 -27.61
CA ALA A 554 28.51 -26.92 -27.86
C ALA A 554 29.45 -27.00 -26.67
N GLY A 555 29.51 -28.19 -26.06
CA GLY A 555 30.41 -28.43 -24.96
C GLY A 555 29.83 -28.23 -23.57
N ILE A 556 28.61 -27.68 -23.47
CA ILE A 556 27.99 -27.48 -22.17
C ILE A 556 26.58 -28.05 -22.07
N ARG A 557 25.92 -28.37 -23.17
CA ARG A 557 24.59 -28.96 -23.14
C ARG A 557 24.58 -30.27 -23.93
N LYS A 558 23.45 -30.97 -23.85
CA LYS A 558 23.25 -32.23 -24.56
C LYS A 558 24.35 -33.25 -24.25
N PRO B 4 -35.85 -7.31 17.61
CA PRO B 4 -37.08 -7.59 16.87
C PRO B 4 -37.07 -8.97 16.21
N ILE B 5 -36.24 -9.12 15.17
CA ILE B 5 -36.15 -10.37 14.43
C ILE B 5 -35.02 -11.20 15.01
N GLU B 6 -35.25 -12.51 15.12
CA GLU B 6 -34.26 -13.41 15.68
C GLU B 6 -33.00 -13.44 14.82
N THR B 7 -31.85 -13.53 15.49
CA THR B 7 -30.58 -13.55 14.78
C THR B 7 -30.28 -14.95 14.23
N VAL B 8 -29.38 -15.00 13.25
CA VAL B 8 -28.96 -16.22 12.62
C VAL B 8 -27.48 -16.44 12.93
N PRO B 9 -27.10 -17.56 13.52
CA PRO B 9 -25.68 -17.75 13.88
C PRO B 9 -24.80 -17.90 12.65
N VAL B 10 -23.67 -17.20 12.67
CA VAL B 10 -22.70 -17.24 11.58
C VAL B 10 -21.31 -17.32 12.21
N LYS B 11 -20.52 -18.31 11.80
CA LYS B 11 -19.18 -18.52 12.31
C LYS B 11 -18.17 -18.42 11.17
N LEU B 12 -16.89 -18.57 11.51
CA LEU B 12 -15.81 -18.48 10.55
C LEU B 12 -15.48 -19.87 9.99
N LYS B 13 -14.48 -19.91 9.12
CA LYS B 13 -13.97 -21.16 8.59
C LYS B 13 -13.06 -21.83 9.61
N PRO B 14 -12.88 -23.15 9.51
CA PRO B 14 -12.01 -23.84 10.47
C PRO B 14 -10.56 -23.35 10.39
N GLY B 15 -9.99 -23.06 11.57
CA GLY B 15 -8.60 -22.66 11.64
C GLY B 15 -8.29 -21.30 11.05
N MET B 16 -9.25 -20.38 11.06
CA MET B 16 -9.05 -19.05 10.51
C MET B 16 -9.49 -18.02 11.55
N ASP B 17 -8.55 -17.17 11.96
CA ASP B 17 -8.86 -16.06 12.86
C ASP B 17 -9.52 -14.93 12.07
N GLY B 18 -9.91 -13.87 12.77
CA GLY B 18 -10.51 -12.73 12.14
C GLY B 18 -9.51 -11.88 11.37
N PRO B 19 -10.00 -10.88 10.66
CA PRO B 19 -9.09 -10.02 9.89
C PRO B 19 -8.33 -9.06 10.78
N LYS B 20 -7.08 -8.77 10.38
CA LYS B 20 -6.20 -7.85 11.10
C LYS B 20 -5.44 -7.03 10.07
N VAL B 21 -6.16 -6.18 9.35
CA VAL B 21 -5.60 -5.32 8.31
C VAL B 21 -5.53 -3.89 8.84
N LYS B 22 -4.40 -3.23 8.64
CA LYS B 22 -4.22 -1.89 9.16
C LYS B 22 -4.90 -0.86 8.27
N GLN B 23 -5.42 0.20 8.90
CA GLN B 23 -6.07 1.26 8.16
C GLN B 23 -5.05 2.11 7.41
N TRP B 24 -5.35 2.42 6.15
CA TRP B 24 -4.48 3.26 5.35
C TRP B 24 -4.89 4.72 5.45
N PRO B 25 -4.00 5.65 5.12
CA PRO B 25 -4.33 7.08 5.29
C PRO B 25 -5.51 7.51 4.44
N LEU B 26 -6.42 8.26 5.04
CA LEU B 26 -7.59 8.80 4.37
C LEU B 26 -7.45 10.32 4.25
N THR B 27 -8.05 10.87 3.20
CA THR B 27 -8.03 12.31 3.01
C THR B 27 -9.00 12.98 3.98
N GLU B 28 -8.90 14.32 4.06
CA GLU B 28 -9.69 15.06 5.03
C GLU B 28 -11.18 15.00 4.70
N GLU B 29 -11.54 15.21 3.43
CA GLU B 29 -12.94 15.18 3.05
C GLU B 29 -13.56 13.80 3.20
N LYS B 30 -12.75 12.75 3.18
CA LYS B 30 -13.27 11.40 3.40
C LYS B 30 -13.47 11.11 4.88
N ILE B 31 -12.56 11.61 5.73
CA ILE B 31 -12.70 11.41 7.17
C ILE B 31 -13.90 12.19 7.70
N LYS B 32 -14.08 13.43 7.23
CA LYS B 32 -15.23 14.22 7.66
C LYS B 32 -16.54 13.54 7.26
N ALA B 33 -16.57 12.90 6.09
CA ALA B 33 -17.77 12.19 5.67
C ALA B 33 -18.00 10.95 6.51
N LEU B 34 -16.93 10.20 6.82
CA LEU B 34 -17.08 9.00 7.62
C LEU B 34 -17.49 9.31 9.05
N VAL B 35 -16.98 10.41 9.62
CA VAL B 35 -17.38 10.80 10.96
C VAL B 35 -18.85 11.19 10.98
N GLU B 36 -19.32 11.90 9.96
CA GLU B 36 -20.73 12.27 9.88
C GLU B 36 -21.62 11.06 9.68
N ILE B 37 -21.14 10.06 8.94
CA ILE B 37 -21.93 8.86 8.69
C ILE B 37 -21.94 7.94 9.91
N CYS B 38 -20.79 7.77 10.56
CA CYS B 38 -20.72 6.86 11.70
C CYS B 38 -21.54 7.37 12.88
N THR B 39 -21.59 8.70 13.08
CA THR B 39 -22.41 9.24 14.15
C THR B 39 -23.88 8.99 13.91
N GLU B 40 -24.34 9.12 12.65
CA GLU B 40 -25.73 8.84 12.35
C GLU B 40 -26.01 7.34 12.39
N MET B 41 -25.01 6.52 12.07
CA MET B 41 -25.18 5.07 12.20
C MET B 41 -25.17 4.64 13.67
N GLU B 42 -24.43 5.36 14.52
CA GLU B 42 -24.41 5.03 15.94
C GLU B 42 -25.70 5.47 16.63
N LYS B 43 -26.25 6.63 16.24
CA LYS B 43 -27.51 7.08 16.82
C LYS B 43 -28.63 6.08 16.58
N GLU B 44 -28.58 5.37 15.45
CA GLU B 44 -29.62 4.43 15.07
C GLU B 44 -29.27 2.99 15.42
N GLY B 45 -28.28 2.77 16.29
CA GLY B 45 -27.94 1.46 16.77
C GLY B 45 -27.27 0.54 15.77
N LYS B 46 -26.84 1.05 14.62
CA LYS B 46 -26.24 0.19 13.60
C LYS B 46 -24.78 -0.13 13.91
N ILE B 47 -24.09 0.73 14.66
CA ILE B 47 -22.72 0.48 15.08
C ILE B 47 -22.56 0.91 16.53
N SER B 48 -21.51 0.40 17.17
CA SER B 48 -21.21 0.71 18.55
C SER B 48 -19.71 0.88 18.73
N LYS B 49 -19.32 1.77 19.65
CA LYS B 49 -17.92 1.99 19.94
C LYS B 49 -17.33 0.77 20.64
N ILE B 50 -16.09 0.45 20.30
CA ILE B 50 -15.35 -0.64 20.94
C ILE B 50 -13.93 -0.16 21.24
N GLY B 51 -13.28 -0.87 22.16
CA GLY B 51 -11.94 -0.52 22.57
C GLY B 51 -10.88 -1.37 21.91
N PRO B 52 -9.64 -1.27 22.39
CA PRO B 52 -8.54 -2.03 21.81
C PRO B 52 -8.53 -3.50 22.19
N GLU B 53 -9.42 -3.94 23.09
CA GLU B 53 -9.48 -5.37 23.42
C GLU B 53 -10.05 -6.20 22.29
N ASN B 54 -10.59 -5.56 21.24
CA ASN B 54 -10.99 -6.26 20.04
C ASN B 54 -9.79 -6.31 19.10
N PRO B 55 -9.14 -7.46 18.92
CA PRO B 55 -7.90 -7.50 18.12
C PRO B 55 -8.13 -7.51 16.62
N TYR B 56 -9.36 -7.38 16.15
CA TYR B 56 -9.66 -7.45 14.73
C TYR B 56 -9.94 -6.06 14.17
N ASN B 57 -9.61 -5.88 12.89
CA ASN B 57 -9.77 -4.57 12.25
C ASN B 57 -9.83 -4.76 10.75
N THR B 58 -10.64 -3.91 10.10
CA THR B 58 -10.85 -3.94 8.66
C THR B 58 -10.83 -2.49 8.17
N PRO B 59 -10.09 -2.19 7.10
CA PRO B 59 -10.01 -0.80 6.64
C PRO B 59 -11.35 -0.28 6.13
N VAL B 60 -11.45 1.05 6.08
CA VAL B 60 -12.68 1.72 5.70
C VAL B 60 -12.33 3.04 5.02
N PHE B 61 -13.14 3.44 4.05
CA PHE B 61 -12.99 4.72 3.38
C PHE B 61 -14.36 5.15 2.87
N ALA B 62 -14.38 6.10 1.94
CA ALA B 62 -15.64 6.61 1.40
C ALA B 62 -15.44 7.03 -0.04
N ILE B 63 -16.51 6.98 -0.82
CA ILE B 63 -16.51 7.39 -2.20
C ILE B 63 -17.62 8.41 -2.42
N LYS B 64 -17.36 9.41 -3.26
CA LYS B 64 -18.32 10.45 -3.60
C LYS B 64 -18.78 10.19 -5.03
N LYS B 65 -20.05 9.81 -5.19
CA LYS B 65 -20.58 9.52 -6.51
C LYS B 65 -20.60 10.79 -7.36
N LYS B 66 -20.78 10.59 -8.68
CA LYS B 66 -20.50 11.60 -9.68
C LYS B 66 -21.08 12.98 -9.36
N ASP B 67 -22.38 13.16 -9.59
CA ASP B 67 -23.03 14.46 -9.43
C ASP B 67 -23.98 14.37 -8.25
N SER B 68 -23.42 14.46 -7.05
CA SER B 68 -24.20 14.42 -5.81
C SER B 68 -23.29 14.82 -4.65
N THR B 69 -23.85 15.57 -3.70
CA THR B 69 -23.13 15.95 -2.49
C THR B 69 -23.27 14.91 -1.39
N LYS B 70 -23.38 13.63 -1.74
CA LYS B 70 -23.58 12.55 -0.79
C LYS B 70 -22.41 11.58 -0.87
N TRP B 71 -21.94 11.15 0.31
CA TRP B 71 -20.85 10.19 0.40
C TRP B 71 -21.38 8.80 0.75
N ARG B 72 -20.64 7.79 0.33
CA ARG B 72 -21.02 6.39 0.55
C ARG B 72 -19.89 5.70 1.30
N LYS B 73 -20.19 5.22 2.50
CA LYS B 73 -19.20 4.52 3.31
C LYS B 73 -18.88 3.16 2.69
N LEU B 74 -17.60 2.85 2.60
CA LEU B 74 -17.13 1.61 2.00
C LEU B 74 -16.16 0.92 2.94
N VAL B 75 -16.44 -0.35 3.26
CA VAL B 75 -15.62 -1.15 4.15
C VAL B 75 -15.00 -2.28 3.34
N ASP B 76 -13.67 -2.36 3.32
CA ASP B 76 -12.94 -3.34 2.54
C ASP B 76 -13.04 -4.70 3.24
N PHE B 77 -14.19 -5.34 3.07
CA PHE B 77 -14.52 -6.57 3.77
C PHE B 77 -14.09 -7.84 3.04
N ARG B 78 -13.31 -7.73 1.97
CA ARG B 78 -12.96 -8.92 1.20
C ARG B 78 -11.96 -9.82 1.94
N GLU B 79 -11.22 -9.27 2.91
CA GLU B 79 -10.38 -10.13 3.73
C GLU B 79 -11.22 -10.92 4.74
N LEU B 80 -12.34 -10.34 5.16
CA LEU B 80 -13.26 -11.07 6.05
C LEU B 80 -14.11 -12.08 5.27
N ASN B 81 -14.40 -11.80 4.00
CA ASN B 81 -15.18 -12.73 3.20
C ASN B 81 -14.40 -14.00 2.91
N LYS B 82 -13.08 -13.89 2.74
CA LYS B 82 -12.24 -15.07 2.55
C LYS B 82 -12.29 -15.98 3.76
N ARG B 83 -12.53 -15.43 4.95
CA ARG B 83 -12.58 -16.19 6.19
C ARG B 83 -14.00 -16.52 6.63
N THR B 84 -15.01 -15.96 5.96
CA THR B 84 -16.39 -16.24 6.34
C THR B 84 -16.80 -17.63 5.87
N GLN B 85 -17.55 -18.33 6.73
CA GLN B 85 -18.05 -19.65 6.38
C GLN B 85 -18.94 -19.59 5.15
N ASP B 86 -18.75 -20.55 4.25
CA ASP B 86 -19.51 -20.58 3.00
C ASP B 86 -20.98 -20.84 3.24
N ILE B 94 -28.89 -20.77 -5.49
CA ILE B 94 -29.42 -19.89 -6.52
C ILE B 94 -28.61 -20.03 -7.80
N PRO B 95 -29.27 -20.43 -8.89
CA PRO B 95 -28.59 -20.46 -10.19
C PRO B 95 -28.32 -19.05 -10.70
N HIS B 96 -27.21 -18.91 -11.40
CA HIS B 96 -26.86 -17.62 -11.97
C HIS B 96 -27.67 -17.37 -13.24
N PRO B 97 -28.38 -16.24 -13.32
CA PRO B 97 -29.20 -15.97 -14.52
C PRO B 97 -28.35 -15.84 -15.78
N ALA B 98 -28.54 -16.78 -16.72
CA ALA B 98 -27.80 -16.74 -17.97
C ALA B 98 -28.35 -15.72 -18.96
N GLY B 99 -29.56 -15.22 -18.73
CA GLY B 99 -30.17 -14.26 -19.64
C GLY B 99 -29.87 -12.80 -19.34
N LEU B 100 -29.17 -12.52 -18.24
CA LEU B 100 -28.85 -11.14 -17.91
C LEU B 100 -27.89 -10.52 -18.92
N LYS B 101 -26.93 -11.32 -19.41
CA LYS B 101 -25.95 -10.85 -20.38
C LYS B 101 -26.53 -10.67 -21.79
N LYS B 102 -27.85 -10.80 -21.96
CA LYS B 102 -28.47 -10.68 -23.28
C LYS B 102 -29.56 -9.62 -23.33
N LYS B 103 -29.80 -8.89 -22.25
CA LYS B 103 -30.80 -7.83 -22.26
C LYS B 103 -30.26 -6.58 -22.93
N LYS B 104 -31.18 -5.78 -23.48
CA LYS B 104 -30.77 -4.57 -24.19
C LYS B 104 -30.14 -3.55 -23.24
N SER B 105 -30.71 -3.38 -22.05
CA SER B 105 -30.19 -2.45 -21.07
C SER B 105 -30.28 -3.06 -19.68
N VAL B 106 -29.29 -2.78 -18.84
CA VAL B 106 -29.24 -3.27 -17.47
C VAL B 106 -28.87 -2.12 -16.55
N THR B 107 -29.66 -1.90 -15.51
CA THR B 107 -29.42 -0.87 -14.52
C THR B 107 -28.98 -1.51 -13.21
N VAL B 108 -28.06 -0.85 -12.52
CA VAL B 108 -27.49 -1.35 -11.27
C VAL B 108 -28.00 -0.48 -10.13
N LEU B 109 -28.73 -1.08 -9.20
CA LEU B 109 -29.29 -0.36 -8.06
C LEU B 109 -28.50 -0.69 -6.80
N ASP B 110 -28.32 0.31 -5.94
CA ASP B 110 -27.59 0.16 -4.69
C ASP B 110 -28.62 -0.03 -3.57
N VAL B 111 -28.91 -1.29 -3.25
CA VAL B 111 -29.90 -1.63 -2.23
C VAL B 111 -29.20 -2.03 -0.95
N GLY B 112 -28.03 -1.44 -0.69
CA GLY B 112 -27.28 -1.75 0.51
C GLY B 112 -27.94 -1.29 1.79
N ASP B 113 -28.83 -0.30 1.71
CA ASP B 113 -29.49 0.20 2.91
C ASP B 113 -30.40 -0.84 3.54
N ALA B 114 -30.91 -1.78 2.75
CA ALA B 114 -31.84 -2.80 3.25
C ALA B 114 -31.18 -3.76 4.25
N TYR B 115 -29.85 -3.81 4.32
CA TYR B 115 -29.17 -4.72 5.22
C TYR B 115 -29.21 -4.27 6.67
N PHE B 116 -29.63 -3.03 6.94
CA PHE B 116 -29.64 -2.51 8.30
C PHE B 116 -30.84 -2.98 9.12
N SER B 117 -31.85 -3.57 8.48
CA SER B 117 -33.04 -4.01 9.19
C SER B 117 -32.86 -5.33 9.90
N VAL B 118 -31.80 -6.08 9.60
CA VAL B 118 -31.56 -7.40 10.16
C VAL B 118 -30.36 -7.31 11.10
N PRO B 119 -30.50 -7.72 12.36
CA PRO B 119 -29.35 -7.69 13.27
C PRO B 119 -28.33 -8.74 12.91
N LEU B 120 -27.18 -8.68 13.59
CA LEU B 120 -26.06 -9.56 13.34
C LEU B 120 -25.83 -10.48 14.53
N ASP B 121 -25.29 -11.68 14.25
CA ASP B 121 -24.96 -12.62 15.31
C ASP B 121 -23.98 -12.00 16.29
N GLU B 122 -24.30 -12.11 17.58
CA GLU B 122 -23.53 -11.41 18.61
C GLU B 122 -22.08 -11.89 18.65
N ASP B 123 -21.86 -13.21 18.48
CA ASP B 123 -20.51 -13.75 18.54
C ASP B 123 -19.70 -13.45 17.29
N PHE B 124 -20.31 -12.84 16.26
CA PHE B 124 -19.62 -12.52 15.03
C PHE B 124 -19.31 -11.03 14.89
N ARG B 125 -19.91 -10.18 15.73
CA ARG B 125 -19.76 -8.74 15.57
C ARG B 125 -18.31 -8.29 15.75
N LYS B 126 -17.54 -8.98 16.59
CA LYS B 126 -16.17 -8.56 16.86
C LYS B 126 -15.28 -8.64 15.63
N TYR B 127 -15.66 -9.41 14.61
CA TYR B 127 -14.85 -9.52 13.41
C TYR B 127 -15.07 -8.38 12.43
N THR B 128 -16.16 -7.62 12.57
CA THR B 128 -16.50 -6.55 11.64
C THR B 128 -16.05 -5.17 12.15
N ALA B 129 -14.92 -5.12 12.86
CA ALA B 129 -14.44 -3.87 13.42
C ALA B 129 -13.71 -3.04 12.38
N PHE B 130 -13.77 -1.71 12.55
CA PHE B 130 -13.02 -0.79 11.71
C PHE B 130 -12.60 0.40 12.55
N THR B 131 -11.67 1.18 12.02
CA THR B 131 -11.05 2.27 12.76
C THR B 131 -11.06 3.54 11.93
N ILE B 132 -11.57 4.62 12.51
CA ILE B 132 -11.62 5.93 11.86
C ILE B 132 -10.35 6.70 12.26
N PRO B 133 -9.46 7.01 11.35
CA PRO B 133 -8.26 7.76 11.70
C PRO B 133 -8.55 9.24 11.86
N SER B 134 -7.55 9.96 12.35
CA SER B 134 -7.62 11.40 12.53
C SER B 134 -6.53 12.08 11.70
N ILE B 135 -6.81 13.32 11.30
CA ILE B 135 -5.84 14.07 10.50
C ILE B 135 -4.69 14.51 11.40
N ASN B 136 -3.46 14.28 10.93
CA ASN B 136 -2.24 14.59 11.66
C ASN B 136 -2.17 13.89 13.01
N ASN B 137 -2.90 12.79 13.16
CA ASN B 137 -2.92 12.01 14.40
C ASN B 137 -3.24 12.88 15.61
N GLU B 138 -4.23 13.78 15.44
CA GLU B 138 -4.71 14.58 16.57
C GLU B 138 -5.35 13.71 17.64
N THR B 139 -5.96 12.60 17.23
CA THR B 139 -6.68 11.72 18.12
C THR B 139 -6.31 10.29 17.75
N PRO B 140 -6.16 9.39 18.73
CA PRO B 140 -6.02 7.97 18.41
C PRO B 140 -7.22 7.47 17.63
N GLY B 141 -7.01 6.33 16.96
CA GLY B 141 -8.07 5.76 16.14
C GLY B 141 -9.31 5.41 16.93
N ILE B 142 -10.46 5.88 16.45
CA ILE B 142 -11.75 5.64 17.10
C ILE B 142 -12.37 4.43 16.41
N ARG B 143 -12.49 3.32 17.15
CA ARG B 143 -12.89 2.05 16.61
C ARG B 143 -14.39 1.81 16.81
N TYR B 144 -14.98 1.10 15.85
CA TYR B 144 -16.40 0.74 15.87
C TYR B 144 -16.54 -0.74 15.55
N GLN B 145 -17.78 -1.23 15.69
CA GLN B 145 -18.12 -2.57 15.24
C GLN B 145 -19.60 -2.59 14.88
N TYR B 146 -19.97 -3.53 14.02
CA TYR B 146 -21.31 -3.56 13.47
C TYR B 146 -22.28 -4.30 14.38
N ASN B 147 -23.53 -3.81 14.44
CA ASN B 147 -24.61 -4.47 15.15
C ASN B 147 -25.64 -5.09 14.22
N VAL B 148 -25.71 -4.65 12.97
CA VAL B 148 -26.60 -5.23 11.97
C VAL B 148 -25.77 -5.81 10.85
N LEU B 149 -26.43 -6.26 9.79
CA LEU B 149 -25.72 -6.86 8.66
C LEU B 149 -24.87 -5.81 7.96
N PRO B 150 -23.54 -5.96 7.93
CA PRO B 150 -22.71 -4.91 7.35
C PRO B 150 -22.79 -4.89 5.83
N GLN B 151 -22.63 -3.70 5.27
CA GLN B 151 -22.60 -3.55 3.83
C GLN B 151 -21.26 -4.04 3.28
N GLY B 152 -21.31 -4.80 2.18
CA GLY B 152 -20.12 -5.33 1.57
C GLY B 152 -19.62 -6.63 2.17
N TRP B 153 -20.42 -7.30 2.98
CA TRP B 153 -20.05 -8.57 3.58
C TRP B 153 -20.72 -9.73 2.84
N LYS B 154 -20.01 -10.86 2.77
CA LYS B 154 -20.52 -12.00 2.01
C LYS B 154 -21.82 -12.54 2.59
N GLY B 155 -21.93 -12.55 3.93
CA GLY B 155 -23.12 -13.06 4.57
C GLY B 155 -24.33 -12.15 4.55
N SER B 156 -24.15 -10.87 4.23
CA SER B 156 -25.29 -9.95 4.26
C SER B 156 -26.34 -10.28 3.21
N PRO B 157 -26.02 -10.52 1.94
CA PRO B 157 -27.07 -10.94 0.99
C PRO B 157 -27.56 -12.36 1.22
N ALA B 158 -26.77 -13.21 1.90
CA ALA B 158 -27.21 -14.58 2.15
C ALA B 158 -28.26 -14.63 3.25
N ILE B 159 -28.00 -13.97 4.38
CA ILE B 159 -28.97 -13.93 5.47
C ILE B 159 -30.24 -13.19 5.02
N PHE B 160 -30.07 -12.17 4.20
CA PHE B 160 -31.18 -11.37 3.69
C PHE B 160 -31.83 -11.98 2.45
N GLN B 161 -31.33 -13.12 1.97
CA GLN B 161 -31.88 -13.73 0.77
C GLN B 161 -33.35 -14.10 0.95
N SER B 162 -33.71 -14.60 2.13
CA SER B 162 -35.09 -14.98 2.39
C SER B 162 -36.02 -13.77 2.31
N SER B 163 -35.64 -12.67 2.97
CA SER B 163 -36.46 -11.47 2.94
C SER B 163 -36.39 -10.75 1.60
N MET B 164 -35.32 -10.95 0.83
CA MET B 164 -35.20 -10.29 -0.47
C MET B 164 -36.20 -10.85 -1.48
N THR B 165 -36.38 -12.17 -1.49
CA THR B 165 -37.31 -12.77 -2.44
C THR B 165 -38.75 -12.38 -2.14
N LYS B 166 -39.08 -12.15 -0.87
CA LYS B 166 -40.44 -11.72 -0.52
C LYS B 166 -40.75 -10.35 -1.09
N ILE B 167 -39.75 -9.47 -1.18
CA ILE B 167 -39.98 -8.11 -1.65
C ILE B 167 -40.11 -8.08 -3.17
N LEU B 168 -39.24 -8.78 -3.87
CA LEU B 168 -39.18 -8.71 -5.33
C LEU B 168 -40.18 -9.63 -6.02
N GLU B 169 -40.86 -10.50 -5.28
CA GLU B 169 -41.74 -11.48 -5.92
C GLU B 169 -42.89 -10.85 -6.71
N PRO B 170 -43.66 -9.90 -6.16
CA PRO B 170 -44.74 -9.32 -6.98
C PRO B 170 -44.25 -8.56 -8.20
N PHE B 171 -43.08 -7.91 -8.11
CA PHE B 171 -42.54 -7.21 -9.27
C PHE B 171 -41.98 -8.18 -10.29
N ARG B 172 -41.45 -9.32 -9.84
CA ARG B 172 -40.96 -10.34 -10.77
C ARG B 172 -42.12 -10.99 -11.52
N LYS B 173 -43.26 -11.18 -10.84
CA LYS B 173 -44.42 -11.80 -11.48
C LYS B 173 -45.06 -10.84 -12.47
N GLN B 174 -45.23 -9.57 -12.08
CA GLN B 174 -45.85 -8.59 -12.96
C GLN B 174 -45.00 -8.34 -14.21
N ASN B 175 -43.68 -8.52 -14.10
CA ASN B 175 -42.75 -8.32 -15.21
C ASN B 175 -41.91 -9.58 -15.37
N PRO B 176 -42.43 -10.60 -16.07
CA PRO B 176 -41.66 -11.83 -16.26
C PRO B 176 -40.48 -11.68 -17.20
N ASP B 177 -40.53 -10.72 -18.13
CA ASP B 177 -39.44 -10.45 -19.07
C ASP B 177 -38.35 -9.54 -18.48
N ILE B 178 -38.21 -9.52 -17.16
CA ILE B 178 -37.19 -8.72 -16.49
C ILE B 178 -36.41 -9.62 -15.54
N VAL B 179 -35.09 -9.68 -15.73
CA VAL B 179 -34.21 -10.49 -14.90
C VAL B 179 -33.61 -9.59 -13.81
N ILE B 180 -33.83 -9.96 -12.56
CA ILE B 180 -33.31 -9.21 -11.42
C ILE B 180 -32.35 -10.13 -10.66
N TYR B 181 -31.06 -9.84 -10.75
CA TYR B 181 -30.03 -10.60 -10.07
C TYR B 181 -29.35 -9.74 -9.02
N GLN B 182 -29.02 -10.36 -7.88
CA GLN B 182 -28.44 -9.66 -6.74
C GLN B 182 -27.02 -10.16 -6.50
N TYR B 183 -26.10 -9.22 -6.27
CA TYR B 183 -24.73 -9.54 -5.88
C TYR B 183 -24.24 -8.47 -4.93
N MET B 184 -23.88 -8.89 -3.71
CA MET B 184 -23.39 -8.00 -2.64
C MET B 184 -24.49 -6.96 -2.39
N ASP B 185 -24.16 -5.68 -2.28
CA ASP B 185 -25.13 -4.63 -2.04
C ASP B 185 -25.82 -4.13 -3.30
N ASP B 186 -25.64 -4.82 -4.43
CA ASP B 186 -26.14 -4.35 -5.72
C ASP B 186 -27.26 -5.25 -6.23
N LEU B 187 -28.18 -4.63 -6.97
CA LEU B 187 -29.28 -5.32 -7.62
C LEU B 187 -29.24 -4.99 -9.10
N TYR B 188 -28.98 -6.01 -9.92
CA TYR B 188 -28.87 -5.85 -11.36
C TYR B 188 -30.20 -6.14 -12.01
N VAL B 189 -30.74 -5.16 -12.73
CA VAL B 189 -32.06 -5.26 -13.35
C VAL B 189 -31.90 -5.00 -14.85
N GLY B 190 -32.26 -5.98 -15.66
CA GLY B 190 -32.14 -5.87 -17.10
C GLY B 190 -33.45 -6.19 -17.78
N SER B 191 -33.65 -5.56 -18.94
CA SER B 191 -34.87 -5.76 -19.72
C SER B 191 -34.56 -5.49 -21.18
N ASP B 192 -35.55 -5.80 -22.03
CA ASP B 192 -35.50 -5.49 -23.46
C ASP B 192 -36.35 -4.28 -23.82
N LEU B 193 -36.83 -3.54 -22.82
CA LEU B 193 -37.68 -2.39 -23.07
C LEU B 193 -36.88 -1.27 -23.72
N GLU B 194 -37.61 -0.37 -24.39
CA GLU B 194 -36.99 0.78 -25.02
C GLU B 194 -36.44 1.74 -23.97
N ILE B 195 -35.46 2.54 -24.37
CA ILE B 195 -34.87 3.53 -23.47
C ILE B 195 -35.95 4.55 -23.13
N GLY B 196 -36.37 4.58 -21.87
CA GLY B 196 -37.48 5.40 -21.44
C GLY B 196 -38.49 4.58 -20.68
N GLN B 197 -39.04 3.55 -21.32
CA GLN B 197 -39.87 2.59 -20.61
C GLN B 197 -39.03 1.75 -19.66
N HIS B 198 -37.76 1.52 -19.99
CA HIS B 198 -36.87 0.83 -19.07
C HIS B 198 -36.61 1.68 -17.83
N ARG B 199 -36.32 2.97 -18.02
CA ARG B 199 -36.13 3.87 -16.89
C ARG B 199 -37.41 4.03 -16.08
N THR B 200 -38.56 4.08 -16.77
CA THR B 200 -39.83 4.11 -16.07
C THR B 200 -40.04 2.85 -15.23
N LYS B 201 -39.59 1.71 -15.76
CA LYS B 201 -39.72 0.47 -15.00
C LYS B 201 -38.72 0.40 -13.86
N ILE B 202 -37.55 1.02 -14.02
CA ILE B 202 -36.58 1.09 -12.93
C ILE B 202 -37.13 1.95 -11.79
N GLU B 203 -37.79 3.05 -12.13
CA GLU B 203 -38.39 3.90 -11.10
C GLU B 203 -39.53 3.18 -10.39
N GLU B 204 -40.23 2.27 -11.08
CA GLU B 204 -41.25 1.48 -10.43
C GLU B 204 -40.66 0.59 -9.35
N LEU B 205 -39.49 0.00 -9.61
CA LEU B 205 -38.84 -0.84 -8.62
C LEU B 205 -38.33 0.00 -7.45
N ARG B 206 -37.77 1.17 -7.74
CA ARG B 206 -37.27 2.05 -6.67
C ARG B 206 -38.38 2.42 -5.71
N GLN B 207 -39.57 2.72 -6.23
CA GLN B 207 -40.70 3.02 -5.36
C GLN B 207 -41.15 1.79 -4.60
N HIS B 208 -41.15 0.62 -5.26
CA HIS B 208 -41.53 -0.62 -4.58
C HIS B 208 -40.52 -0.99 -3.51
N LEU B 209 -39.24 -0.66 -3.71
CA LEU B 209 -38.22 -0.94 -2.71
C LEU B 209 -38.23 0.07 -1.57
N LEU B 210 -38.80 1.25 -1.77
CA LEU B 210 -38.91 2.23 -0.69
C LEU B 210 -40.13 1.99 0.19
N ARG B 211 -41.10 1.19 -0.27
CA ARG B 211 -42.25 0.89 0.56
C ARG B 211 -41.88 0.02 1.76
N TRP B 212 -40.83 -0.79 1.62
CA TRP B 212 -40.39 -1.65 2.73
C TRP B 212 -39.42 -0.89 3.63
N GLY B 213 -38.21 -0.64 3.14
CA GLY B 213 -37.24 0.12 3.90
C GLY B 213 -35.79 -0.18 3.56
N LEU B 214 -35.01 0.87 3.35
CA LEU B 214 -35.49 2.24 3.40
C LEU B 214 -35.15 2.98 2.11
N MET B 230 -26.38 5.79 -7.49
CA MET B 230 -26.30 4.65 -8.39
C MET B 230 -25.52 5.01 -9.66
N GLY B 231 -25.41 4.06 -10.57
CA GLY B 231 -24.75 4.32 -11.84
C GLY B 231 -24.03 3.13 -12.45
N TYR B 232 -24.02 3.05 -13.77
CA TYR B 232 -24.72 4.04 -14.61
C TYR B 232 -25.87 3.38 -15.36
N GLU B 233 -25.53 2.79 -16.51
CA GLU B 233 -26.52 2.14 -17.36
C GLU B 233 -25.79 1.20 -18.30
N LEU B 234 -26.06 -0.10 -18.19
CA LEU B 234 -25.32 -1.13 -18.92
C LEU B 234 -26.07 -1.57 -20.16
N HIS B 235 -25.31 -2.14 -21.09
CA HIS B 235 -25.88 -2.72 -22.31
C HIS B 235 -25.06 -3.96 -22.67
N PRO B 236 -25.39 -5.11 -22.08
CA PRO B 236 -24.62 -6.33 -22.36
C PRO B 236 -24.71 -6.82 -23.80
N ASP B 237 -25.59 -6.25 -24.62
CA ASP B 237 -25.64 -6.65 -26.03
C ASP B 237 -24.41 -6.19 -26.79
N LYS B 238 -23.78 -5.11 -26.34
CA LYS B 238 -22.64 -4.53 -27.05
C LYS B 238 -21.30 -5.07 -26.56
N TRP B 239 -21.31 -6.02 -25.62
CA TRP B 239 -20.07 -6.61 -25.10
C TRP B 239 -19.47 -7.53 -26.15
N THR B 240 -18.45 -7.05 -26.86
CA THR B 240 -17.76 -7.82 -27.88
C THR B 240 -16.42 -8.30 -27.36
N VAL B 241 -15.79 -9.16 -28.15
CA VAL B 241 -14.49 -9.73 -27.81
C VAL B 241 -13.44 -9.15 -28.76
N GLN B 242 -12.19 -9.12 -28.29
CA GLN B 242 -11.07 -8.67 -29.11
C GLN B 242 -10.19 -9.86 -29.46
N PRO B 243 -10.37 -10.45 -30.64
CA PRO B 243 -9.56 -11.62 -31.00
C PRO B 243 -8.15 -11.23 -31.39
N ILE B 244 -7.26 -12.22 -31.30
CA ILE B 244 -5.86 -12.02 -31.71
C ILE B 244 -5.85 -11.80 -33.22
N VAL B 245 -5.35 -10.63 -33.64
CA VAL B 245 -5.30 -10.26 -35.05
C VAL B 245 -3.85 -10.25 -35.50
N LEU B 246 -3.65 -10.52 -36.79
CA LEU B 246 -2.32 -10.58 -37.39
C LEU B 246 -2.09 -9.40 -38.32
N PRO B 247 -0.85 -8.92 -38.43
CA PRO B 247 -0.58 -7.79 -39.32
C PRO B 247 -0.76 -8.17 -40.78
N GLU B 248 -1.08 -7.16 -41.59
CA GLU B 248 -1.31 -7.33 -43.03
C GLU B 248 -0.42 -6.32 -43.75
N LYS B 249 0.59 -6.81 -44.46
CA LYS B 249 1.54 -5.96 -45.15
C LYS B 249 1.69 -6.42 -46.59
N ASP B 250 2.12 -5.48 -47.45
CA ASP B 250 2.52 -5.80 -48.81
C ASP B 250 4.03 -5.92 -48.97
N SER B 251 4.79 -5.64 -47.92
CA SER B 251 6.25 -5.76 -47.96
C SER B 251 6.71 -6.21 -46.58
N TRP B 252 7.24 -7.41 -46.50
CA TRP B 252 7.67 -8.01 -45.24
C TRP B 252 9.19 -8.02 -45.14
N THR B 253 9.70 -7.69 -43.96
CA THR B 253 11.12 -7.74 -43.67
C THR B 253 11.41 -8.90 -42.72
N VAL B 254 12.69 -9.11 -42.44
CA VAL B 254 13.09 -10.17 -41.51
C VAL B 254 12.55 -9.87 -40.11
N ASN B 255 12.57 -8.60 -39.71
CA ASN B 255 12.04 -8.23 -38.41
C ASN B 255 10.54 -8.45 -38.33
N ASP B 256 9.82 -8.11 -39.40
CA ASP B 256 8.37 -8.30 -39.41
C ASP B 256 8.01 -9.79 -39.28
N ILE B 257 8.77 -10.65 -39.95
CA ILE B 257 8.48 -12.08 -39.90
C ILE B 257 8.90 -12.67 -38.56
N GLN B 258 10.01 -12.18 -38.00
CA GLN B 258 10.46 -12.66 -36.69
C GLN B 258 9.46 -12.31 -35.60
N LYS B 259 8.94 -11.08 -35.63
CA LYS B 259 7.89 -10.71 -34.68
C LYS B 259 6.61 -11.48 -34.92
N LEU B 260 6.31 -11.83 -36.17
CA LEU B 260 5.10 -12.58 -36.47
C LEU B 260 5.24 -14.04 -36.04
N VAL B 261 6.41 -14.63 -36.24
CA VAL B 261 6.62 -16.02 -35.86
C VAL B 261 6.55 -16.18 -34.34
N GLY B 262 7.15 -15.25 -33.61
CA GLY B 262 7.07 -15.31 -32.15
C GLY B 262 5.67 -15.11 -31.62
N LYS B 263 4.86 -14.30 -32.32
CA LYS B 263 3.48 -14.09 -31.89
C LYS B 263 2.61 -15.31 -32.18
N LEU B 264 2.81 -15.95 -33.34
CA LEU B 264 2.07 -17.16 -33.66
C LEU B 264 2.53 -18.33 -32.79
N ASN B 265 3.83 -18.39 -32.48
CA ASN B 265 4.32 -19.45 -31.62
C ASN B 265 3.69 -19.38 -30.23
N TRP B 266 3.49 -18.17 -29.71
CA TRP B 266 2.77 -18.03 -28.44
C TRP B 266 1.29 -18.28 -28.63
N ALA B 267 0.71 -17.81 -29.73
CA ALA B 267 -0.72 -18.01 -29.97
C ALA B 267 -1.06 -19.47 -30.19
N SER B 268 -0.09 -20.30 -30.59
CA SER B 268 -0.36 -21.73 -30.75
C SER B 268 -0.60 -22.40 -29.41
N GLN B 269 -0.14 -21.81 -28.30
CA GLN B 269 -0.47 -22.33 -26.99
C GLN B 269 -1.96 -22.23 -26.70
N ILE B 270 -2.62 -21.21 -27.26
CA ILE B 270 -4.07 -21.06 -27.10
C ILE B 270 -4.81 -21.77 -28.22
N TYR B 271 -4.38 -21.58 -29.46
CA TYR B 271 -4.98 -22.22 -30.62
C TYR B 271 -4.03 -23.26 -31.18
N PRO B 272 -4.21 -24.54 -30.87
CA PRO B 272 -3.26 -25.57 -31.35
C PRO B 272 -3.19 -25.69 -32.86
N GLY B 273 -4.17 -25.15 -33.59
CA GLY B 273 -4.16 -25.24 -35.04
C GLY B 273 -3.12 -24.35 -35.70
N ILE B 274 -2.60 -23.36 -34.97
CA ILE B 274 -1.63 -22.43 -35.53
C ILE B 274 -0.35 -23.16 -35.88
N LYS B 275 0.09 -23.04 -37.13
CA LYS B 275 1.36 -23.58 -37.57
C LYS B 275 2.26 -22.45 -38.06
N VAL B 276 3.56 -22.73 -38.12
CA VAL B 276 4.55 -21.69 -38.40
C VAL B 276 5.73 -22.29 -39.17
N ARG B 277 5.50 -23.44 -39.81
CA ARG B 277 6.57 -24.12 -40.52
C ARG B 277 7.06 -23.29 -41.71
N GLN B 278 6.15 -22.90 -42.61
CA GLN B 278 6.56 -22.23 -43.83
C GLN B 278 7.05 -20.80 -43.56
N LEU B 279 6.54 -20.15 -42.52
CA LEU B 279 7.02 -18.82 -42.20
C LEU B 279 8.43 -18.84 -41.62
N SER B 280 8.80 -19.93 -40.94
CA SER B 280 10.12 -20.00 -40.32
C SER B 280 11.21 -20.27 -41.34
N LYS B 281 10.93 -21.08 -42.36
CA LYS B 281 11.93 -21.42 -43.35
C LYS B 281 12.37 -20.20 -44.17
N LEU B 282 11.56 -19.15 -44.20
CA LEU B 282 11.97 -17.91 -44.87
C LEU B 282 13.11 -17.23 -44.14
N LEU B 283 13.38 -17.61 -42.89
CA LEU B 283 14.40 -16.97 -42.07
C LEU B 283 15.64 -17.84 -41.88
N ARG B 284 15.85 -18.82 -42.76
CA ARG B 284 17.05 -19.65 -42.68
C ARG B 284 18.28 -18.80 -43.01
N GLY B 285 19.31 -18.95 -42.19
CA GLY B 285 20.52 -18.14 -42.33
C GLY B 285 20.60 -17.06 -41.28
N THR B 286 21.61 -16.21 -41.45
CA THR B 286 21.87 -15.10 -40.55
C THR B 286 21.67 -13.80 -41.34
N LYS B 287 20.45 -13.30 -41.35
CA LYS B 287 20.08 -12.15 -42.17
C LYS B 287 19.99 -10.88 -41.34
N ALA B 288 20.02 -9.75 -42.04
CA ALA B 288 19.80 -8.46 -41.41
C ALA B 288 18.31 -8.24 -41.18
N LEU B 289 17.99 -7.48 -40.13
CA LEU B 289 16.59 -7.27 -39.76
C LEU B 289 15.82 -6.47 -40.79
N THR B 290 16.49 -5.66 -41.60
CA THR B 290 15.82 -4.80 -42.57
C THR B 290 15.78 -5.41 -43.97
N GLU B 291 16.18 -6.67 -44.12
CA GLU B 291 16.14 -7.32 -45.42
C GLU B 291 14.71 -7.69 -45.77
N VAL B 292 14.27 -7.28 -46.96
CA VAL B 292 12.90 -7.55 -47.40
C VAL B 292 12.81 -8.98 -47.90
N ILE B 293 11.85 -9.72 -47.39
CA ILE B 293 11.66 -11.14 -47.71
C ILE B 293 10.33 -11.28 -48.46
N PRO B 294 10.34 -11.77 -49.69
CA PRO B 294 9.07 -12.02 -50.39
C PRO B 294 8.44 -13.32 -49.90
N LEU B 295 7.14 -13.26 -49.61
CA LEU B 295 6.41 -14.41 -49.11
C LEU B 295 6.17 -15.42 -50.22
N THR B 296 6.52 -16.67 -49.97
CA THR B 296 6.20 -17.74 -50.91
C THR B 296 4.71 -18.06 -50.85
N GLU B 297 4.24 -18.87 -51.79
CA GLU B 297 2.83 -19.20 -51.86
C GLU B 297 2.40 -20.02 -50.64
N GLU B 298 3.20 -21.03 -50.27
CA GLU B 298 2.86 -21.84 -49.10
C GLU B 298 2.97 -21.04 -47.81
N ALA B 299 3.87 -20.05 -47.77
CA ALA B 299 3.97 -19.19 -46.60
C ALA B 299 2.83 -18.18 -46.54
N GLU B 300 2.48 -17.59 -47.69
CA GLU B 300 1.35 -16.68 -47.74
C GLU B 300 0.05 -17.40 -47.42
N LEU B 301 -0.07 -18.66 -47.86
CA LEU B 301 -1.24 -19.46 -47.53
C LEU B 301 -1.25 -19.82 -46.04
N GLU B 302 -0.07 -20.10 -45.49
CA GLU B 302 0.02 -20.42 -44.06
C GLU B 302 -0.46 -19.25 -43.21
N LEU B 303 -0.17 -18.03 -43.65
CA LEU B 303 -0.64 -16.85 -42.92
C LEU B 303 -2.15 -16.68 -43.04
N ALA B 304 -2.73 -17.13 -44.15
CA ALA B 304 -4.18 -17.02 -44.31
C ALA B 304 -4.92 -18.02 -43.44
N GLU B 305 -4.42 -19.25 -43.38
CA GLU B 305 -5.06 -20.26 -42.53
C GLU B 305 -4.97 -19.89 -41.05
N ASN B 306 -3.88 -19.24 -40.65
CA ASN B 306 -3.74 -18.84 -39.25
C ASN B 306 -4.74 -17.75 -38.86
N ARG B 307 -5.08 -16.85 -39.80
CA ARG B 307 -6.06 -15.82 -39.49
C ARG B 307 -7.43 -16.41 -39.25
N GLU B 308 -7.80 -17.47 -39.98
CA GLU B 308 -9.10 -18.10 -39.77
C GLU B 308 -9.14 -18.89 -38.46
N ILE B 309 -8.02 -19.43 -38.03
CA ILE B 309 -7.98 -20.19 -36.79
C ILE B 309 -8.20 -19.26 -35.60
N LEU B 310 -7.62 -18.06 -35.64
CA LEU B 310 -7.82 -17.09 -34.56
C LEU B 310 -9.25 -16.60 -34.48
N LYS B 311 -10.05 -16.79 -35.54
CA LYS B 311 -11.44 -16.40 -35.52
C LYS B 311 -12.31 -17.41 -34.80
N GLU B 312 -11.94 -18.70 -34.85
CA GLU B 312 -12.70 -19.72 -34.14
C GLU B 312 -12.61 -19.48 -32.63
N PRO B 313 -13.66 -19.84 -31.89
CA PRO B 313 -13.60 -19.71 -30.43
C PRO B 313 -12.64 -20.72 -29.82
N VAL B 314 -12.19 -20.41 -28.61
CA VAL B 314 -11.28 -21.29 -27.90
C VAL B 314 -12.02 -22.56 -27.50
N HIS B 315 -11.48 -23.70 -27.90
CA HIS B 315 -12.16 -24.98 -27.69
C HIS B 315 -11.89 -25.54 -26.31
N GLY B 316 -12.91 -26.13 -25.71
CA GLY B 316 -12.76 -26.84 -24.45
C GLY B 316 -12.44 -25.95 -23.26
N VAL B 317 -13.28 -24.94 -23.02
CA VAL B 317 -13.11 -24.03 -21.89
C VAL B 317 -14.44 -24.01 -21.13
N TYR B 318 -14.45 -24.52 -19.92
CA TYR B 318 -15.66 -24.66 -19.12
C TYR B 318 -15.50 -23.94 -17.79
N TYR B 319 -16.51 -23.16 -17.43
CA TYR B 319 -16.43 -22.29 -16.26
C TYR B 319 -16.53 -23.11 -14.97
N ASP B 320 -15.45 -23.08 -14.18
CA ASP B 320 -15.42 -23.77 -12.90
C ASP B 320 -15.75 -22.79 -11.80
N PRO B 321 -16.90 -22.91 -11.12
CA PRO B 321 -17.22 -21.97 -10.04
C PRO B 321 -16.36 -22.13 -8.80
N SER B 322 -15.75 -23.29 -8.60
CA SER B 322 -14.95 -23.55 -7.40
C SER B 322 -13.53 -23.01 -7.50
N LYS B 323 -13.20 -22.30 -8.58
CA LYS B 323 -11.88 -21.72 -8.75
C LYS B 323 -12.01 -20.21 -8.99
N ASP B 324 -10.90 -19.51 -8.79
CA ASP B 324 -10.90 -18.07 -8.98
C ASP B 324 -10.93 -17.70 -10.45
N LEU B 325 -11.51 -16.55 -10.73
CA LEU B 325 -11.43 -15.94 -12.06
C LEU B 325 -10.21 -15.03 -12.09
N ILE B 326 -9.25 -15.35 -12.95
CA ILE B 326 -8.03 -14.57 -13.09
C ILE B 326 -8.19 -13.61 -14.25
N ALA B 327 -7.83 -12.34 -14.03
CA ALA B 327 -7.96 -11.29 -15.04
C ALA B 327 -6.62 -10.57 -15.17
N GLU B 328 -5.97 -10.74 -16.31
CA GLU B 328 -4.77 -9.97 -16.62
C GLU B 328 -5.15 -8.73 -17.43
N ILE B 329 -4.37 -7.67 -17.24
CA ILE B 329 -4.58 -6.41 -17.94
C ILE B 329 -3.24 -5.94 -18.49
N GLN B 330 -3.23 -5.53 -19.76
CA GLN B 330 -2.02 -5.05 -20.43
C GLN B 330 -2.25 -3.61 -20.88
N LYS B 331 -1.39 -2.71 -20.41
CA LYS B 331 -1.41 -1.34 -20.89
C LYS B 331 -0.86 -1.29 -22.31
N GLN B 332 -1.71 -0.91 -23.26
CA GLN B 332 -1.33 -0.81 -24.66
C GLN B 332 -0.98 0.61 -25.08
N GLY B 333 -1.03 1.58 -24.16
CA GLY B 333 -0.77 2.96 -24.50
C GLY B 333 -1.91 3.59 -25.28
N GLN B 334 -1.86 4.91 -25.45
CA GLN B 334 -2.87 5.65 -26.20
C GLN B 334 -4.27 5.41 -25.64
N GLY B 335 -4.38 5.21 -24.34
CA GLY B 335 -5.65 4.93 -23.72
C GLY B 335 -6.21 3.54 -23.96
N GLN B 336 -5.48 2.68 -24.65
CA GLN B 336 -5.94 1.33 -24.94
C GLN B 336 -5.56 0.38 -23.82
N TRP B 337 -6.50 -0.47 -23.41
CA TRP B 337 -6.28 -1.45 -22.35
C TRP B 337 -6.93 -2.76 -22.76
N THR B 338 -6.13 -3.82 -22.81
CA THR B 338 -6.61 -5.15 -23.15
C THR B 338 -6.66 -6.02 -21.89
N TYR B 339 -7.59 -6.97 -21.87
CA TYR B 339 -7.74 -7.84 -20.72
C TYR B 339 -8.19 -9.22 -21.17
N GLN B 340 -7.90 -10.21 -20.33
CA GLN B 340 -8.31 -11.60 -20.56
C GLN B 340 -8.76 -12.20 -19.25
N ILE B 341 -9.89 -12.91 -19.28
CA ILE B 341 -10.43 -13.60 -18.12
C ILE B 341 -10.25 -15.10 -18.33
N TYR B 342 -9.67 -15.77 -17.34
CA TYR B 342 -9.40 -17.20 -17.43
C TYR B 342 -9.27 -17.77 -16.04
N GLN B 343 -9.32 -19.10 -15.97
CA GLN B 343 -9.09 -19.85 -14.74
C GLN B 343 -7.88 -20.75 -14.83
N GLU B 344 -7.65 -21.38 -15.99
CA GLU B 344 -6.49 -22.19 -16.29
C GLU B 344 -5.61 -21.46 -17.31
N PRO B 345 -4.30 -21.74 -17.33
CA PRO B 345 -3.43 -21.06 -18.31
C PRO B 345 -3.85 -21.38 -19.74
N PHE B 346 -3.91 -20.34 -20.56
CA PHE B 346 -4.28 -20.39 -21.97
C PHE B 346 -5.71 -20.89 -22.20
N LYS B 347 -6.54 -20.90 -21.16
CA LYS B 347 -7.94 -21.27 -21.27
C LYS B 347 -8.80 -20.05 -20.98
N ASN B 348 -8.78 -19.10 -21.92
CA ASN B 348 -9.47 -17.84 -21.73
C ASN B 348 -10.99 -18.02 -21.83
N LEU B 349 -11.72 -17.37 -20.93
CA LEU B 349 -13.16 -17.29 -21.01
C LEU B 349 -13.64 -16.09 -21.82
N LYS B 350 -12.82 -15.03 -21.90
CA LYS B 350 -13.14 -13.83 -22.65
C LYS B 350 -11.88 -13.00 -22.81
N THR B 351 -11.66 -12.48 -24.01
CA THR B 351 -10.54 -11.59 -24.30
C THR B 351 -11.10 -10.33 -24.96
N GLY B 352 -11.09 -9.22 -24.22
CA GLY B 352 -11.61 -7.97 -24.73
C GLY B 352 -10.63 -6.82 -24.61
N LYS B 353 -11.07 -5.61 -24.96
CA LYS B 353 -10.24 -4.43 -24.83
C LYS B 353 -11.05 -3.32 -24.19
N TYR B 354 -10.37 -2.25 -23.78
CA TYR B 354 -11.01 -1.13 -23.11
C TYR B 354 -10.23 0.14 -23.45
N ALA B 355 -10.85 1.00 -24.25
CA ALA B 355 -10.21 2.22 -24.72
C ALA B 355 -10.91 3.45 -24.13
N ARG B 356 -10.11 4.48 -23.83
CA ARG B 356 -10.65 5.72 -23.30
C ARG B 356 -10.10 6.91 -24.09
N MET B 357 -10.02 8.08 -23.45
CA MET B 357 -9.56 9.28 -24.14
C MET B 357 -8.07 9.19 -24.45
N ARG B 358 -7.69 9.77 -25.58
CA ARG B 358 -6.31 9.77 -26.06
C ARG B 358 -5.68 11.15 -25.94
N GLY B 359 -5.96 11.85 -24.84
CA GLY B 359 -5.45 13.18 -24.63
C GLY B 359 -4.03 13.16 -24.07
N ALA B 360 -3.56 14.36 -23.71
CA ALA B 360 -2.23 14.51 -23.15
C ALA B 360 -2.22 14.43 -21.63
N HIS B 361 -3.33 14.77 -20.98
CA HIS B 361 -3.46 14.70 -19.54
C HIS B 361 -4.00 13.35 -19.07
N THR B 362 -3.63 12.27 -19.75
CA THR B 362 -4.16 10.95 -19.42
C THR B 362 -3.63 10.47 -18.06
N ASN B 363 -4.55 10.08 -17.19
CA ASN B 363 -4.21 9.50 -15.89
C ASN B 363 -4.25 7.99 -16.03
N ASP B 364 -3.08 7.35 -15.96
CA ASP B 364 -3.03 5.90 -16.12
C ASP B 364 -3.75 5.19 -14.99
N VAL B 365 -3.55 5.65 -13.76
CA VAL B 365 -4.21 5.01 -12.61
C VAL B 365 -5.72 5.18 -12.70
N LYS B 366 -6.18 6.39 -13.05
CA LYS B 366 -7.61 6.63 -13.15
C LYS B 366 -8.25 5.77 -14.23
N GLN B 367 -7.52 5.56 -15.35
CA GLN B 367 -8.03 4.70 -16.40
C GLN B 367 -7.98 3.23 -15.99
N LEU B 368 -7.00 2.84 -15.17
CA LEU B 368 -6.87 1.45 -14.79
C LEU B 368 -7.97 1.03 -13.81
N THR B 369 -8.30 1.91 -12.85
CA THR B 369 -9.38 1.59 -11.92
C THR B 369 -10.72 1.51 -12.63
N GLU B 370 -10.93 2.37 -13.63
CA GLU B 370 -12.14 2.28 -14.45
C GLU B 370 -12.17 0.97 -15.23
N ALA B 371 -11.00 0.47 -15.62
CA ALA B 371 -10.95 -0.80 -16.35
C ALA B 371 -11.32 -1.97 -15.44
N VAL B 372 -10.74 -2.00 -14.23
CA VAL B 372 -11.02 -3.11 -13.32
C VAL B 372 -12.45 -3.08 -12.81
N GLN B 373 -13.11 -1.92 -12.86
CA GLN B 373 -14.52 -1.86 -12.48
C GLN B 373 -15.41 -2.40 -13.60
N LYS B 374 -15.10 -2.04 -14.85
CA LYS B 374 -15.87 -2.58 -15.97
C LYS B 374 -15.64 -4.07 -16.14
N ILE B 375 -14.41 -4.53 -15.92
CA ILE B 375 -14.12 -5.95 -16.02
C ILE B 375 -14.84 -6.73 -14.92
N THR B 376 -14.80 -6.21 -13.68
CA THR B 376 -15.52 -6.86 -12.59
C THR B 376 -17.01 -6.86 -12.84
N THR B 377 -17.54 -5.75 -13.37
CA THR B 377 -18.98 -5.67 -13.66
C THR B 377 -19.40 -6.73 -14.66
N GLU B 378 -18.56 -6.99 -15.66
CA GLU B 378 -18.89 -8.02 -16.64
C GLU B 378 -18.84 -9.41 -16.01
N SER B 379 -17.88 -9.65 -15.10
CA SER B 379 -17.80 -10.94 -14.45
C SER B 379 -19.00 -11.19 -13.55
N ILE B 380 -19.49 -10.15 -12.87
CA ILE B 380 -20.67 -10.28 -12.03
C ILE B 380 -21.90 -10.56 -12.88
N VAL B 381 -21.93 -10.04 -14.11
CA VAL B 381 -23.08 -10.26 -14.99
C VAL B 381 -23.00 -11.63 -15.65
N ILE B 382 -21.83 -11.98 -16.19
CA ILE B 382 -21.70 -13.22 -16.96
C ILE B 382 -21.67 -14.43 -16.03
N TRP B 383 -20.85 -14.37 -14.97
CA TRP B 383 -20.66 -15.52 -14.10
C TRP B 383 -21.10 -15.28 -12.66
N GLY B 384 -21.35 -14.05 -12.25
CA GLY B 384 -21.79 -13.79 -10.89
C GLY B 384 -20.69 -13.98 -9.86
N LYS B 385 -19.50 -13.45 -10.13
CA LYS B 385 -18.37 -13.57 -9.23
C LYS B 385 -17.35 -12.50 -9.59
N THR B 386 -16.55 -12.09 -8.58
CA THR B 386 -15.53 -11.11 -8.91
C THR B 386 -14.24 -11.80 -9.33
N PRO B 387 -13.53 -11.27 -10.33
CA PRO B 387 -12.26 -11.85 -10.74
C PRO B 387 -11.10 -11.34 -9.90
N LYS B 388 -10.01 -12.10 -9.93
CA LYS B 388 -8.78 -11.74 -9.24
C LYS B 388 -7.82 -11.10 -10.25
N PHE B 389 -7.49 -9.84 -10.03
CA PHE B 389 -6.76 -9.06 -11.02
C PHE B 389 -5.25 -9.17 -10.82
N LYS B 390 -4.54 -9.32 -11.93
CA LYS B 390 -3.09 -9.15 -11.99
C LYS B 390 -2.83 -7.77 -12.57
N LEU B 391 -2.49 -6.82 -11.71
CA LEU B 391 -2.44 -5.42 -12.13
C LEU B 391 -1.03 -5.04 -12.55
N PRO B 392 -0.85 -4.38 -13.77
CA PRO B 392 0.47 -3.91 -14.23
C PRO B 392 0.80 -2.52 -13.66
N ILE B 393 1.01 -2.48 -12.34
CA ILE B 393 1.27 -1.22 -11.65
C ILE B 393 2.00 -1.54 -10.35
N GLN B 394 2.86 -0.62 -9.93
CA GLN B 394 3.53 -0.77 -8.64
C GLN B 394 2.51 -0.78 -7.52
N LYS B 395 2.79 -1.57 -6.48
CA LYS B 395 1.86 -1.68 -5.35
C LYS B 395 1.66 -0.32 -4.67
N GLU B 396 2.75 0.43 -4.46
CA GLU B 396 2.65 1.72 -3.80
C GLU B 396 1.84 2.71 -4.63
N THR B 397 2.00 2.67 -5.96
CA THR B 397 1.27 3.59 -6.81
C THR B 397 -0.23 3.34 -6.76
N TRP B 398 -0.63 2.07 -6.74
CA TRP B 398 -2.05 1.73 -6.77
C TRP B 398 -2.75 2.12 -5.47
N GLU B 399 -2.19 1.70 -4.34
CA GLU B 399 -2.82 1.97 -3.04
C GLU B 399 -2.90 3.45 -2.71
N THR B 400 -2.11 4.29 -3.39
CA THR B 400 -2.09 5.72 -3.09
C THR B 400 -3.28 6.44 -3.73
N TRP B 401 -3.72 6.02 -4.91
CA TRP B 401 -4.70 6.78 -5.67
C TRP B 401 -5.94 6.02 -6.10
N TRP B 402 -6.02 4.70 -5.86
CA TRP B 402 -7.11 3.93 -6.44
C TRP B 402 -8.45 4.23 -5.79
N THR B 403 -8.45 4.64 -4.51
CA THR B 403 -9.71 4.93 -3.84
C THR B 403 -10.33 6.24 -4.31
N GLU B 404 -9.55 7.12 -4.94
CA GLU B 404 -10.07 8.39 -5.40
C GLU B 404 -10.97 8.24 -6.63
N TYR B 405 -10.87 7.13 -7.35
CA TYR B 405 -11.63 6.91 -8.57
C TYR B 405 -12.61 5.76 -8.46
N TRP B 406 -12.70 5.10 -7.31
CA TRP B 406 -13.60 3.98 -7.15
C TRP B 406 -15.05 4.46 -7.04
N GLN B 407 -15.97 3.67 -7.60
CA GLN B 407 -17.38 4.03 -7.62
C GLN B 407 -18.32 2.87 -7.33
N ALA B 408 -17.80 1.67 -7.09
CA ALA B 408 -18.62 0.50 -6.86
C ALA B 408 -18.69 0.17 -5.36
N THR B 409 -19.72 -0.57 -4.98
CA THR B 409 -19.91 -0.98 -3.60
C THR B 409 -19.11 -2.23 -3.24
N TRP B 410 -18.67 -2.99 -4.23
CA TRP B 410 -17.83 -4.16 -4.02
C TRP B 410 -16.37 -3.83 -4.32
N ILE B 411 -15.48 -4.70 -3.85
CA ILE B 411 -14.05 -4.54 -4.11
C ILE B 411 -13.46 -5.89 -4.48
N PRO B 412 -12.97 -6.07 -5.70
CA PRO B 412 -12.33 -7.34 -6.07
C PRO B 412 -10.93 -7.44 -5.50
N GLU B 413 -10.46 -8.68 -5.38
CA GLU B 413 -9.11 -8.93 -4.91
C GLU B 413 -8.12 -8.81 -6.05
N TRP B 414 -6.89 -8.40 -5.73
CA TRP B 414 -5.89 -8.13 -6.74
C TRP B 414 -4.50 -8.43 -6.21
N GLU B 415 -3.59 -8.72 -7.13
CA GLU B 415 -2.17 -8.77 -6.87
C GLU B 415 -1.46 -7.92 -7.93
N PHE B 416 -0.19 -7.62 -7.69
CA PHE B 416 0.58 -6.73 -8.55
C PHE B 416 1.69 -7.52 -9.22
N VAL B 417 1.92 -7.24 -10.51
CA VAL B 417 2.81 -8.04 -11.34
C VAL B 417 3.64 -7.10 -12.22
N ASN B 418 4.75 -7.63 -12.72
CA ASN B 418 5.61 -6.96 -13.70
C ASN B 418 5.57 -7.80 -14.96
N THR B 419 4.63 -7.50 -15.85
CA THR B 419 4.41 -8.33 -17.02
C THR B 419 5.60 -8.24 -17.98
N PRO B 420 5.85 -9.30 -18.76
CA PRO B 420 6.80 -9.19 -19.85
C PRO B 420 6.21 -8.36 -20.98
N PRO B 421 7.04 -7.59 -21.69
CA PRO B 421 6.53 -6.81 -22.83
C PRO B 421 6.16 -7.68 -24.02
N LEU B 422 6.21 -8.99 -23.83
CA LEU B 422 5.79 -9.92 -24.89
C LEU B 422 4.27 -10.01 -24.97
N VAL B 423 3.61 -10.21 -23.83
CA VAL B 423 2.15 -10.28 -23.81
C VAL B 423 1.54 -8.97 -24.26
N LYS B 424 2.24 -7.85 -24.04
CA LYS B 424 1.78 -6.56 -24.56
C LYS B 424 1.65 -6.59 -26.07
N LEU B 425 2.60 -7.24 -26.76
CA LEU B 425 2.56 -7.31 -28.21
C LEU B 425 1.64 -8.40 -28.73
N TRP B 426 1.32 -9.40 -27.92
CA TRP B 426 0.44 -10.46 -28.39
C TRP B 426 -0.99 -9.95 -28.57
N TYR B 427 -1.53 -9.29 -27.55
CA TYR B 427 -2.91 -8.80 -27.64
C TYR B 427 -2.92 -7.37 -28.15
N GLN B 428 -1.93 -7.03 -29.00
CA GLN B 428 -1.82 -5.67 -29.50
C GLN B 428 -2.91 -5.39 -30.52
N LEU B 429 -2.91 -4.17 -31.04
CA LEU B 429 -3.91 -3.73 -31.99
C LEU B 429 -3.28 -2.78 -33.00
N GLU B 430 -3.56 -3.01 -34.28
CA GLU B 430 -3.04 -2.17 -35.34
C GLU B 430 -4.13 -1.31 -35.97
#